data_2DU6
#
_entry.id   2DU6
#
_cell.length_a   148.323
_cell.length_b   148.323
_cell.length_c   152.617
_cell.angle_alpha   90.00
_cell.angle_beta   90.00
_cell.angle_gamma   120.00
#
_symmetry.space_group_name_H-M   'P 31 2 1'
#
loop_
_entity.id
_entity.type
_entity.pdbx_description
1 polymer tRNA
2 polymer 'O-phosphoseryl-tRNA synthetase'
3 non-polymer PHOSPHOSERINE
#
loop_
_entity_poly.entity_id
_entity_poly.type
_entity_poly.pdbx_seq_one_letter_code
_entity_poly.pdbx_strand_id
1 'polyribonucleotide' GCCAGGGUGGCAGAGGGGCUUUGCGGCGGACUCUAGAUCCGCUUUACCCCGGUUCGAAUCCGGGCCCUGGC D
2 'polypeptide(L)'
;MKFDPQKYRELAEKDFEAAWKAGKEILAERSPNELYPRVGFSFGKEHPLFATIQRLREAYLSIGFSEVVNPLIVEDVHVK
KQFGREALAVLDRCFYLATLPKPNVGISAEKIRQIEAITKREVDSKPLQEIFHRYKKGEIDGDDLSYLIAEVLDVDDITA
VKILDEVFPEFKELKPISSTLTLRSHMTTGWFITLSHIADKLPLPIKLFSIDRCFRREQGEDATRLYTYFSASCVLVDEE
LSVDDGKAVAEALLRQFGFENFRFRKDEKRSKYYIPDTQTEVFAFHPKLVGSSTKYSDGWIEIATFGIYSPTALAEYDIP
YPVMNLGLGVERLAMILYGYDDVRKMVYPQIHGEIKLSDLDIAREIKVKEVPQTAVGLKIAQSIVETAEKHASEPSPCSF
LAFEGEMMGRNVRVYVVNENENTKLCGPAYANEVVVYKGDIYGIPKTKKWRSFFEEGVPTGIRYIDGFAYYAARKVEEAA
MREQEEVKVKARIVENLSDINLYIHENVRRYILWKKGKIDVRGPLFVTVKAEIE
;
A,B
#
# COMPACT_ATOMS: atom_id res chain seq x y z
N MET B 1 -24.83 33.69 9.32
CA MET B 1 -25.82 33.93 8.24
C MET B 1 -25.19 34.77 7.13
N LYS B 2 -25.68 34.60 5.91
CA LYS B 2 -25.14 35.38 4.81
C LYS B 2 -25.60 36.80 4.99
N PHE B 3 -24.78 37.73 4.54
CA PHE B 3 -25.09 39.14 4.65
C PHE B 3 -25.13 39.78 3.26
N ASP B 4 -25.22 41.10 3.22
CA ASP B 4 -25.24 41.80 1.94
C ASP B 4 -23.93 42.53 1.75
N PRO B 5 -23.13 42.12 0.76
CA PRO B 5 -21.83 42.73 0.45
C PRO B 5 -21.94 44.23 0.21
N GLN B 6 -22.99 44.66 -0.49
CA GLN B 6 -23.18 46.07 -0.76
C GLN B 6 -23.35 46.81 0.57
N LYS B 7 -24.51 46.63 1.19
CA LYS B 7 -24.79 47.28 2.46
C LYS B 7 -23.56 47.37 3.37
N TYR B 8 -23.04 46.22 3.78
CA TYR B 8 -21.86 46.17 4.67
C TYR B 8 -20.65 46.88 4.12
N ARG B 9 -20.71 47.25 2.85
CA ARG B 9 -19.60 47.92 2.20
C ARG B 9 -19.82 49.43 2.11
N GLU B 10 -21.05 49.83 1.79
CA GLU B 10 -21.38 51.26 1.67
C GLU B 10 -21.53 51.90 3.05
N LEU B 11 -21.66 51.06 4.07
CA LEU B 11 -21.77 51.54 5.46
C LEU B 11 -20.38 51.63 6.05
N ALA B 12 -19.53 50.68 5.68
CA ALA B 12 -18.17 50.65 6.19
C ALA B 12 -17.32 51.71 5.50
N GLU B 13 -17.65 52.01 4.25
CA GLU B 13 -16.89 53.00 3.50
C GLU B 13 -17.01 54.35 4.21
N LYS B 14 -18.20 54.64 4.73
CA LYS B 14 -18.42 55.88 5.45
C LYS B 14 -17.98 55.67 6.90
N ASP B 15 -18.75 54.86 7.62
CA ASP B 15 -18.50 54.56 9.02
C ASP B 15 -17.97 53.14 9.20
N PHE B 16 -16.66 53.00 9.43
CA PHE B 16 -16.07 51.68 9.61
C PHE B 16 -16.38 51.04 10.97
N GLU B 17 -15.64 51.40 12.01
CA GLU B 17 -15.86 50.85 13.34
C GLU B 17 -17.29 50.40 13.60
N ALA B 18 -18.25 51.15 13.07
CA ALA B 18 -19.67 50.83 13.24
C ALA B 18 -20.06 49.56 12.48
N ALA B 19 -19.49 49.39 11.31
CA ALA B 19 -19.75 48.20 10.49
C ALA B 19 -19.06 47.02 11.16
N TRP B 20 -17.83 47.24 11.60
CA TRP B 20 -17.03 46.21 12.26
C TRP B 20 -17.84 45.52 13.36
N LYS B 21 -18.04 46.23 14.47
CA LYS B 21 -18.79 45.69 15.60
C LYS B 21 -20.14 45.10 15.16
N ALA B 22 -20.53 45.41 13.93
CA ALA B 22 -21.79 44.91 13.38
C ALA B 22 -21.63 43.49 12.83
N GLY B 23 -20.41 43.17 12.42
CA GLY B 23 -20.14 41.85 11.87
C GLY B 23 -20.74 40.73 12.70
N LYS B 24 -20.54 40.80 14.01
CA LYS B 24 -21.06 39.79 14.94
C LYS B 24 -22.46 39.29 14.58
N GLU B 25 -23.16 40.00 13.71
CA GLU B 25 -24.50 39.59 13.33
C GLU B 25 -24.49 38.38 12.41
N ILE B 26 -23.39 38.17 11.69
CA ILE B 26 -23.30 37.04 10.76
C ILE B 26 -22.81 35.74 11.37
N LEU B 27 -22.29 35.79 12.58
CA LEU B 27 -21.82 34.58 13.23
C LEU B 27 -23.06 33.75 13.54
N ALA B 28 -22.86 32.56 14.10
CA ALA B 28 -23.98 31.70 14.41
C ALA B 28 -24.09 31.46 15.91
N GLU B 29 -25.31 31.52 16.44
CA GLU B 29 -25.50 31.26 17.86
C GLU B 29 -25.68 29.75 17.94
N ARG B 30 -24.66 29.06 18.43
CA ARG B 30 -24.73 27.61 18.53
C ARG B 30 -25.43 27.21 19.83
N SER B 31 -26.20 26.13 19.75
CA SER B 31 -26.93 25.59 20.90
C SER B 31 -25.90 25.06 21.90
N PRO B 32 -26.17 23.92 22.56
CA PRO B 32 -25.11 23.50 23.49
C PRO B 32 -24.22 22.39 22.89
N ASN B 33 -24.82 21.52 22.09
CA ASN B 33 -24.09 20.43 21.46
C ASN B 33 -23.55 20.90 20.11
N GLU B 34 -23.52 22.22 19.92
CA GLU B 34 -23.02 22.79 18.68
C GLU B 34 -21.72 23.54 18.95
N LEU B 35 -21.18 23.34 20.16
CA LEU B 35 -19.94 24.01 20.57
C LEU B 35 -18.77 23.05 20.72
N TYR B 36 -17.55 23.60 20.71
CA TYR B 36 -16.36 22.79 20.88
C TYR B 36 -16.28 22.45 22.35
N PRO B 37 -15.86 21.24 22.71
CA PRO B 37 -15.45 20.13 21.82
C PRO B 37 -16.59 19.17 21.51
N ARG B 38 -17.83 19.67 21.57
CA ARG B 38 -18.99 18.84 21.29
C ARG B 38 -19.14 18.68 19.78
N VAL B 39 -18.32 19.42 19.02
CA VAL B 39 -18.31 19.36 17.57
C VAL B 39 -16.87 19.19 17.16
N GLY B 40 -16.64 18.42 16.10
CA GLY B 40 -15.28 18.20 15.65
C GLY B 40 -15.16 17.50 14.30
N PHE B 41 -13.95 17.52 13.75
CA PHE B 41 -13.65 16.88 12.49
C PHE B 41 -13.01 15.54 12.79
N SER B 42 -13.08 14.63 11.83
CA SER B 42 -12.48 13.32 12.00
C SER B 42 -11.54 13.04 10.82
N PHE B 43 -10.53 12.23 11.08
CA PHE B 43 -9.54 11.88 10.05
C PHE B 43 -9.12 10.43 10.20
N GLY B 44 -8.77 9.80 9.07
CA GLY B 44 -8.35 8.41 9.12
C GLY B 44 -6.95 8.27 9.68
N LYS B 45 -6.61 7.08 10.18
CA LYS B 45 -5.30 6.84 10.75
C LYS B 45 -4.68 5.56 10.18
N GLU B 46 -3.38 5.58 9.90
CA GLU B 46 -2.69 4.41 9.34
C GLU B 46 -2.29 3.41 10.39
N HIS B 47 -2.01 2.18 9.94
CA HIS B 47 -1.59 1.14 10.86
C HIS B 47 -0.09 1.02 10.81
N PRO B 48 0.56 1.03 11.98
CA PRO B 48 2.02 0.91 12.02
C PRO B 48 2.60 -0.09 11.03
N LEU B 49 2.01 -1.26 10.94
CA LEU B 49 2.54 -2.27 10.02
C LEU B 49 2.55 -1.77 8.59
N PHE B 50 1.38 -1.47 8.05
CA PHE B 50 1.29 -1.00 6.67
C PHE B 50 2.13 0.24 6.43
N ALA B 51 2.23 1.05 7.47
CA ALA B 51 3.02 2.28 7.43
C ALA B 51 4.47 1.94 7.11
N THR B 52 5.07 1.14 7.97
CA THR B 52 6.46 0.72 7.81
C THR B 52 6.65 0.08 6.44
N ILE B 53 5.68 -0.73 6.01
CA ILE B 53 5.79 -1.39 4.72
C ILE B 53 5.95 -0.32 3.64
N GLN B 54 5.24 0.80 3.79
CA GLN B 54 5.35 1.85 2.80
C GLN B 54 6.72 2.48 2.86
N ARG B 55 7.12 2.89 4.06
CA ARG B 55 8.43 3.50 4.28
C ARG B 55 9.45 2.56 3.66
N LEU B 56 9.34 1.28 4.02
CA LEU B 56 10.23 0.27 3.51
C LEU B 56 10.31 0.31 1.98
N ARG B 57 9.15 0.36 1.31
CA ARG B 57 9.15 0.42 -0.16
C ARG B 57 10.02 1.58 -0.63
N GLU B 58 9.61 2.79 -0.28
CA GLU B 58 10.38 3.97 -0.66
C GLU B 58 11.85 3.73 -0.36
N ALA B 59 12.16 3.39 0.89
CA ALA B 59 13.54 3.13 1.31
C ALA B 59 14.26 2.38 0.21
N TYR B 60 13.78 1.18 -0.11
CA TYR B 60 14.41 0.38 -1.17
C TYR B 60 14.56 1.16 -2.46
N LEU B 61 13.43 1.58 -3.02
CA LEU B 61 13.45 2.33 -4.27
C LEU B 61 14.52 3.43 -4.26
N SER B 62 14.72 4.03 -3.08
CA SER B 62 15.68 5.11 -2.92
C SER B 62 17.12 4.65 -3.04
N ILE B 63 17.33 3.34 -3.21
CA ILE B 63 18.69 2.84 -3.36
C ILE B 63 18.89 1.98 -4.62
N GLY B 64 18.04 2.20 -5.62
CA GLY B 64 18.18 1.49 -6.88
C GLY B 64 17.31 0.29 -7.21
N PHE B 65 16.83 -0.40 -6.18
CA PHE B 65 16.00 -1.58 -6.37
C PHE B 65 14.61 -1.33 -6.93
N SER B 66 14.24 -2.11 -7.95
CA SER B 66 12.93 -1.97 -8.58
C SER B 66 11.97 -3.03 -8.04
N GLU B 67 10.71 -2.64 -7.85
CA GLU B 67 9.66 -3.49 -7.28
C GLU B 67 9.20 -4.67 -8.13
N VAL B 68 8.85 -5.76 -7.45
CA VAL B 68 8.42 -6.95 -8.15
C VAL B 68 7.53 -7.82 -7.28
N VAL B 69 6.63 -8.58 -7.90
CA VAL B 69 5.77 -9.48 -7.14
C VAL B 69 6.21 -10.92 -7.39
N ASN B 70 6.52 -11.63 -6.31
CA ASN B 70 7.00 -12.99 -6.43
C ASN B 70 5.94 -14.05 -6.14
N PRO B 71 6.19 -15.30 -6.55
CA PRO B 71 5.29 -16.43 -6.35
C PRO B 71 5.07 -16.68 -4.87
N LEU B 72 3.81 -16.64 -4.45
CA LEU B 72 3.51 -16.87 -3.03
C LEU B 72 3.30 -18.36 -2.78
N ILE B 73 2.36 -18.95 -3.51
CA ILE B 73 2.04 -20.37 -3.40
C ILE B 73 2.95 -21.15 -4.34
N VAL B 74 3.76 -22.04 -3.80
CA VAL B 74 4.67 -22.79 -4.65
C VAL B 74 4.76 -24.28 -4.33
N GLU B 75 5.15 -25.05 -5.34
CA GLU B 75 5.31 -26.50 -5.19
C GLU B 75 6.56 -26.72 -4.33
N ASP B 76 6.40 -27.46 -3.24
CA ASP B 76 7.51 -27.73 -2.34
C ASP B 76 8.71 -28.30 -3.07
N VAL B 77 8.51 -28.67 -4.34
CA VAL B 77 9.57 -29.21 -5.15
C VAL B 77 10.68 -28.16 -5.24
N HIS B 78 10.27 -26.89 -5.16
CA HIS B 78 11.21 -25.78 -5.22
C HIS B 78 12.09 -25.75 -3.99
N VAL B 79 11.44 -25.91 -2.83
CA VAL B 79 12.18 -25.91 -1.59
C VAL B 79 13.23 -27.01 -1.65
N LYS B 80 12.78 -28.22 -1.98
CA LYS B 80 13.68 -29.37 -2.10
C LYS B 80 14.77 -29.10 -3.15
N LYS B 81 14.61 -28.04 -3.93
CA LYS B 81 15.58 -27.67 -4.94
C LYS B 81 16.53 -26.63 -4.37
N GLN B 82 16.13 -26.03 -3.26
CA GLN B 82 16.92 -24.99 -2.62
C GLN B 82 17.60 -25.40 -1.33
N PHE B 83 17.43 -26.67 -0.95
CA PHE B 83 18.05 -27.19 0.26
C PHE B 83 18.58 -28.58 0.00
N GLY B 84 18.32 -29.09 -1.20
CA GLY B 84 18.79 -30.42 -1.55
C GLY B 84 18.24 -31.47 -0.58
N ARG B 85 19.01 -31.74 0.46
CA ARG B 85 18.63 -32.73 1.46
C ARG B 85 17.95 -32.13 2.69
N GLU B 86 18.55 -31.08 3.24
CA GLU B 86 18.01 -30.42 4.42
C GLU B 86 16.61 -29.86 4.16
N ALA B 87 16.07 -30.17 2.99
CA ALA B 87 14.75 -29.69 2.60
C ALA B 87 13.67 -30.04 3.63
N LEU B 88 13.46 -31.33 3.87
CA LEU B 88 12.44 -31.75 4.82
C LEU B 88 12.42 -30.88 6.08
N ALA B 89 13.59 -30.69 6.66
CA ALA B 89 13.72 -29.88 7.88
C ALA B 89 12.88 -28.62 7.76
N VAL B 90 12.78 -28.09 6.55
CA VAL B 90 12.02 -26.87 6.31
C VAL B 90 10.53 -27.17 6.14
N LEU B 91 10.20 -28.00 5.16
CA LEU B 91 8.80 -28.32 4.90
C LEU B 91 7.96 -28.68 6.12
N ASP B 92 8.62 -28.85 7.26
CA ASP B 92 7.90 -29.16 8.51
C ASP B 92 7.34 -27.86 9.06
N ARG B 93 8.11 -26.78 8.91
CA ARG B 93 7.72 -25.47 9.39
C ARG B 93 6.91 -24.71 8.35
N CYS B 94 6.51 -25.39 7.28
CA CYS B 94 5.71 -24.77 6.20
C CYS B 94 4.27 -25.26 6.24
N PHE B 95 3.41 -24.60 5.47
CA PHE B 95 2.00 -24.98 5.40
C PHE B 95 1.68 -25.53 4.01
N TYR B 96 0.83 -26.56 3.95
CA TYR B 96 0.41 -27.14 2.68
C TYR B 96 -1.04 -26.78 2.43
N LEU B 97 -1.37 -26.54 1.17
CA LEU B 97 -2.73 -26.16 0.82
C LEU B 97 -3.64 -27.37 0.63
N ALA B 98 -4.53 -27.58 1.58
CA ALA B 98 -5.50 -28.67 1.53
C ALA B 98 -6.76 -28.12 0.89
N THR B 99 -7.70 -28.99 0.56
CA THR B 99 -8.92 -28.52 -0.08
C THR B 99 -10.02 -29.58 -0.16
N LEU B 100 -11.25 -29.17 0.17
CA LEU B 100 -12.41 -30.07 0.16
C LEU B 100 -12.71 -30.67 -1.21
N PRO B 101 -12.88 -32.01 -1.26
CA PRO B 101 -13.18 -32.72 -2.51
C PRO B 101 -14.66 -32.53 -2.81
N LYS B 102 -15.18 -33.34 -3.73
CA LYS B 102 -16.59 -33.23 -4.09
C LYS B 102 -17.41 -34.41 -3.56
N PRO B 103 -18.71 -34.18 -3.29
CA PRO B 103 -19.59 -35.23 -2.77
C PRO B 103 -19.66 -36.42 -3.72
N ASN B 104 -18.85 -37.44 -3.44
CA ASN B 104 -18.83 -38.64 -4.27
C ASN B 104 -20.22 -39.24 -4.41
N VAL B 105 -20.98 -38.74 -5.38
CA VAL B 105 -22.33 -39.22 -5.63
C VAL B 105 -22.28 -40.41 -6.60
N GLY B 106 -21.28 -41.27 -6.42
CA GLY B 106 -21.14 -42.43 -7.29
C GLY B 106 -20.30 -43.55 -6.71
N ILE B 107 -20.65 -44.78 -7.06
CA ILE B 107 -19.96 -45.98 -6.61
C ILE B 107 -20.13 -46.29 -5.13
N SER B 108 -19.15 -45.91 -4.31
CA SER B 108 -19.18 -46.16 -2.88
C SER B 108 -20.50 -45.74 -2.23
N ALA B 109 -20.93 -44.51 -2.49
CA ALA B 109 -22.17 -43.99 -1.94
C ALA B 109 -23.27 -43.93 -3.02
N GLU B 110 -23.27 -44.90 -3.91
CA GLU B 110 -24.25 -44.96 -5.00
C GLU B 110 -25.08 -46.24 -4.91
N LYS B 111 -24.40 -47.38 -4.78
CA LYS B 111 -25.06 -48.68 -4.70
C LYS B 111 -26.05 -48.72 -3.54
N ILE B 112 -25.60 -48.34 -2.36
CA ILE B 112 -26.43 -48.32 -1.16
C ILE B 112 -27.38 -47.12 -1.18
N ARG B 113 -27.22 -46.29 -2.22
CA ARG B 113 -28.06 -45.10 -2.40
C ARG B 113 -29.25 -45.48 -3.25
N GLN B 114 -29.15 -46.65 -3.89
CA GLN B 114 -30.20 -47.17 -4.75
C GLN B 114 -30.82 -48.43 -4.17
N ILE B 115 -31.30 -48.31 -2.92
CA ILE B 115 -31.92 -49.43 -2.23
C ILE B 115 -32.87 -48.90 -1.14
N GLU B 116 -33.23 -47.62 -1.25
CA GLU B 116 -34.16 -46.97 -0.32
C GLU B 116 -35.14 -46.11 -1.10
N ALA B 117 -35.97 -45.35 -0.39
CA ALA B 117 -36.94 -44.47 -1.03
C ALA B 117 -36.21 -43.26 -1.59
N ILE B 118 -35.53 -43.44 -2.72
CA ILE B 118 -34.76 -42.40 -3.38
C ILE B 118 -35.20 -40.99 -2.99
N THR B 119 -36.48 -40.69 -3.18
CA THR B 119 -37.00 -39.37 -2.84
C THR B 119 -38.45 -39.40 -2.38
N LYS B 120 -38.69 -38.85 -1.20
CA LYS B 120 -40.02 -38.77 -0.62
C LYS B 120 -40.45 -37.30 -0.59
N ARG B 121 -39.55 -36.44 -0.13
CA ARG B 121 -39.82 -35.01 -0.07
C ARG B 121 -40.16 -34.53 -1.48
N GLU B 122 -41.46 -34.51 -1.80
CA GLU B 122 -41.95 -34.10 -3.10
C GLU B 122 -41.18 -32.93 -3.73
N VAL B 123 -40.46 -33.23 -4.80
CA VAL B 123 -39.68 -32.22 -5.52
C VAL B 123 -39.80 -32.47 -7.03
N ASP B 124 -40.03 -33.72 -7.39
CA ASP B 124 -40.17 -34.11 -8.80
C ASP B 124 -39.01 -33.60 -9.64
N SER B 125 -39.35 -32.95 -10.75
CA SER B 125 -38.35 -32.40 -11.67
C SER B 125 -37.49 -33.53 -12.24
N LYS B 126 -37.61 -33.74 -13.55
CA LYS B 126 -36.88 -34.77 -14.27
C LYS B 126 -35.50 -35.06 -13.68
N PRO B 127 -35.08 -36.34 -13.70
CA PRO B 127 -33.78 -36.79 -13.17
C PRO B 127 -32.60 -35.91 -13.58
N LEU B 128 -32.23 -35.00 -12.69
CA LEU B 128 -31.10 -34.11 -12.94
C LEU B 128 -29.82 -34.82 -12.50
N GLN B 129 -29.65 -36.05 -12.97
CA GLN B 129 -28.49 -36.85 -12.64
C GLN B 129 -27.28 -36.33 -13.42
N GLU B 130 -27.50 -35.30 -14.22
CA GLU B 130 -26.43 -34.70 -15.01
C GLU B 130 -26.09 -33.30 -14.46
N ILE B 131 -27.07 -32.65 -13.85
CA ILE B 131 -26.88 -31.33 -13.26
C ILE B 131 -26.08 -31.51 -11.98
N PHE B 132 -26.01 -32.76 -11.51
CA PHE B 132 -25.25 -33.10 -10.30
C PHE B 132 -23.90 -33.66 -10.71
N HIS B 133 -23.79 -34.08 -11.96
CA HIS B 133 -22.54 -34.62 -12.49
C HIS B 133 -21.66 -33.43 -12.88
N ARG B 134 -22.28 -32.37 -13.36
CA ARG B 134 -21.55 -31.17 -13.74
C ARG B 134 -20.95 -30.55 -12.48
N TYR B 135 -21.26 -31.17 -11.34
CA TYR B 135 -20.75 -30.72 -10.06
C TYR B 135 -19.49 -31.54 -9.80
N LYS B 136 -19.57 -32.83 -10.10
CA LYS B 136 -18.44 -33.74 -9.94
C LYS B 136 -17.58 -33.57 -11.19
N LYS B 137 -17.78 -32.45 -11.87
CA LYS B 137 -17.05 -32.12 -13.08
C LYS B 137 -16.36 -30.77 -12.90
N GLY B 138 -17.14 -29.76 -12.53
CA GLY B 138 -16.59 -28.43 -12.33
C GLY B 138 -17.60 -27.36 -11.95
N GLU B 139 -17.82 -27.19 -10.65
CA GLU B 139 -18.74 -26.18 -10.14
C GLU B 139 -18.02 -25.26 -9.16
N ILE B 140 -18.74 -24.34 -8.55
CA ILE B 140 -18.15 -23.39 -7.62
C ILE B 140 -19.12 -22.90 -6.53
N ASP B 141 -18.98 -21.64 -6.15
CA ASP B 141 -19.83 -21.01 -5.14
C ASP B 141 -21.07 -20.37 -5.76
N GLY B 142 -20.84 -19.50 -6.75
CA GLY B 142 -21.94 -18.83 -7.43
C GLY B 142 -22.54 -19.71 -8.50
N ASP B 143 -23.12 -20.83 -8.08
CA ASP B 143 -23.72 -21.77 -9.00
C ASP B 143 -24.95 -22.44 -8.37
N ASP B 144 -25.29 -22.02 -7.15
CA ASP B 144 -26.44 -22.57 -6.45
C ASP B 144 -27.74 -21.98 -6.97
N LEU B 145 -27.67 -20.73 -7.43
CA LEU B 145 -28.83 -20.04 -7.96
C LEU B 145 -29.08 -20.48 -9.41
N SER B 146 -28.89 -21.77 -9.67
CA SER B 146 -29.08 -22.34 -11.00
C SER B 146 -29.81 -23.68 -10.89
N TYR B 147 -29.47 -24.46 -9.86
CA TYR B 147 -30.11 -25.74 -9.64
C TYR B 147 -31.11 -25.66 -8.48
N LEU B 148 -31.90 -24.60 -8.48
CA LEU B 148 -32.90 -24.38 -7.46
C LEU B 148 -33.84 -23.27 -7.92
N ILE B 149 -33.32 -22.06 -8.04
CA ILE B 149 -34.10 -20.90 -8.48
C ILE B 149 -34.36 -21.01 -9.99
N ALA B 150 -33.85 -22.08 -10.59
CA ALA B 150 -34.01 -22.33 -12.01
C ALA B 150 -34.10 -23.83 -12.28
N GLU B 151 -34.40 -24.60 -11.23
CA GLU B 151 -34.52 -26.05 -11.34
C GLU B 151 -35.83 -26.50 -10.68
N VAL B 152 -35.77 -26.71 -9.38
CA VAL B 152 -36.94 -27.16 -8.62
C VAL B 152 -37.67 -25.96 -8.01
N LEU B 153 -37.85 -24.92 -8.82
CA LEU B 153 -38.53 -23.70 -8.38
C LEU B 153 -38.00 -23.19 -7.05
N ASP B 154 -38.75 -22.30 -6.41
CA ASP B 154 -38.35 -21.71 -5.14
C ASP B 154 -37.21 -20.73 -5.38
N VAL B 155 -37.39 -19.48 -4.95
CA VAL B 155 -36.38 -18.43 -5.14
C VAL B 155 -34.99 -18.81 -4.63
N ASP B 156 -34.02 -17.98 -5.00
CA ASP B 156 -32.61 -18.16 -4.64
C ASP B 156 -32.30 -19.36 -3.74
N ASP B 157 -32.02 -19.08 -2.47
CA ASP B 157 -31.67 -20.15 -1.54
C ASP B 157 -32.59 -20.18 -0.31
N ILE B 158 -33.88 -20.36 -0.54
CA ILE B 158 -34.84 -20.42 0.56
C ILE B 158 -35.10 -21.88 0.89
N THR B 159 -34.89 -22.74 -0.10
CA THR B 159 -35.10 -24.16 0.06
C THR B 159 -33.83 -24.95 -0.29
N ALA B 160 -32.89 -24.25 -0.93
CA ALA B 160 -31.62 -24.87 -1.33
C ALA B 160 -30.67 -25.04 -0.15
N VAL B 161 -30.82 -24.18 0.86
CA VAL B 161 -29.96 -24.23 2.04
C VAL B 161 -30.34 -25.35 2.99
N LYS B 162 -31.57 -25.86 2.87
CA LYS B 162 -32.03 -26.94 3.74
C LYS B 162 -32.26 -28.24 2.97
N ILE B 163 -32.51 -28.12 1.67
CA ILE B 163 -32.73 -29.30 0.84
C ILE B 163 -31.41 -30.07 0.78
N LEU B 164 -30.32 -29.34 0.97
CA LEU B 164 -28.98 -29.91 0.94
C LEU B 164 -28.54 -30.27 2.36
N ASP B 165 -29.43 -30.10 3.32
CA ASP B 165 -29.14 -30.40 4.71
C ASP B 165 -29.96 -31.57 5.23
N GLU B 166 -31.24 -31.62 4.86
CA GLU B 166 -32.11 -32.69 5.31
C GLU B 166 -32.04 -33.93 4.42
N VAL B 167 -32.27 -33.75 3.13
CA VAL B 167 -32.24 -34.85 2.16
C VAL B 167 -30.83 -35.23 1.75
N PHE B 168 -29.86 -34.37 2.04
CA PHE B 168 -28.47 -34.65 1.66
C PHE B 168 -27.49 -34.60 2.83
N PRO B 169 -27.54 -35.59 3.73
CA PRO B 169 -26.62 -35.61 4.87
C PRO B 169 -25.19 -35.92 4.41
N GLU B 170 -25.05 -36.22 3.12
CA GLU B 170 -23.75 -36.54 2.51
C GLU B 170 -22.69 -35.46 2.73
N PHE B 171 -22.92 -34.30 2.13
CA PHE B 171 -22.00 -33.16 2.22
C PHE B 171 -21.26 -33.08 3.54
N LYS B 172 -21.94 -33.39 4.64
CA LYS B 172 -21.34 -33.34 5.97
C LYS B 172 -20.33 -34.46 6.21
N GLU B 173 -19.60 -34.84 5.15
CA GLU B 173 -18.59 -35.90 5.25
C GLU B 173 -17.32 -35.52 4.51
N LEU B 174 -17.33 -34.35 3.86
CA LEU B 174 -16.16 -33.89 3.12
C LEU B 174 -15.00 -33.60 4.06
N LYS B 175 -13.79 -33.83 3.57
CA LYS B 175 -12.59 -33.59 4.37
C LYS B 175 -11.50 -32.98 3.49
N PRO B 176 -10.93 -31.83 3.90
CA PRO B 176 -9.88 -31.22 3.09
C PRO B 176 -8.74 -32.21 2.81
N ILE B 177 -8.30 -32.24 1.55
CA ILE B 177 -7.24 -33.14 1.12
C ILE B 177 -5.95 -32.39 0.84
N SER B 178 -4.91 -32.69 1.62
CA SER B 178 -3.60 -32.05 1.46
C SER B 178 -3.09 -32.21 0.05
N SER B 179 -2.05 -31.46 -0.28
CA SER B 179 -1.45 -31.52 -1.62
C SER B 179 0.05 -31.22 -1.51
N THR B 180 0.64 -30.79 -2.61
CA THR B 180 2.07 -30.47 -2.61
C THR B 180 2.29 -28.97 -2.71
N LEU B 181 1.19 -28.21 -2.70
CA LEU B 181 1.28 -26.76 -2.76
C LEU B 181 1.54 -26.17 -1.38
N THR B 182 2.44 -25.20 -1.32
CA THR B 182 2.79 -24.58 -0.05
C THR B 182 2.80 -23.06 -0.04
N LEU B 183 2.72 -22.50 1.16
CA LEU B 183 2.75 -21.06 1.38
C LEU B 183 4.16 -20.70 1.81
N ARG B 184 4.97 -20.25 0.85
CA ARG B 184 6.36 -19.87 1.08
C ARG B 184 6.68 -19.39 2.49
N SER B 185 7.66 -20.02 3.13
CA SER B 185 8.06 -19.64 4.49
C SER B 185 8.67 -18.25 4.46
N HIS B 186 9.63 -18.06 3.57
CA HIS B 186 10.30 -16.77 3.40
C HIS B 186 10.26 -16.36 1.92
N MET B 187 10.67 -15.14 1.62
CA MET B 187 10.64 -14.67 0.24
C MET B 187 11.53 -15.51 -0.67
N THR B 188 12.77 -15.75 -0.26
CA THR B 188 13.72 -16.52 -1.04
C THR B 188 13.14 -17.62 -1.90
N THR B 189 12.25 -18.42 -1.35
CA THR B 189 11.64 -19.51 -2.12
C THR B 189 11.14 -19.01 -3.48
N GLY B 190 10.46 -17.87 -3.49
CA GLY B 190 9.96 -17.33 -4.74
C GLY B 190 10.97 -16.59 -5.60
N TRP B 191 12.08 -16.15 -5.01
CA TRP B 191 13.10 -15.44 -5.78
C TRP B 191 13.69 -16.28 -6.88
N PHE B 192 14.03 -17.53 -6.58
CA PHE B 192 14.61 -18.41 -7.57
C PHE B 192 13.73 -18.53 -8.80
N ILE B 193 12.43 -18.69 -8.57
CA ILE B 193 11.47 -18.80 -9.65
C ILE B 193 11.48 -17.53 -10.51
N THR B 194 11.35 -16.37 -9.87
CA THR B 194 11.34 -15.11 -10.61
C THR B 194 12.67 -14.77 -11.23
N LEU B 195 13.76 -14.93 -10.48
CA LEU B 195 15.07 -14.63 -11.05
C LEU B 195 15.33 -15.61 -12.18
N SER B 196 14.69 -16.77 -12.10
CA SER B 196 14.82 -17.81 -13.12
C SER B 196 14.55 -17.24 -14.51
N HIS B 197 13.41 -16.58 -14.66
CA HIS B 197 13.02 -16.03 -15.94
C HIS B 197 13.78 -14.80 -16.46
N ILE B 198 14.71 -14.24 -15.69
CA ILE B 198 15.40 -13.04 -16.19
C ILE B 198 16.86 -12.82 -15.80
N ALA B 199 17.41 -13.69 -14.95
CA ALA B 199 18.79 -13.56 -14.48
C ALA B 199 19.83 -13.31 -15.55
N ASP B 200 19.49 -13.58 -16.80
CA ASP B 200 20.45 -13.35 -17.87
C ASP B 200 19.92 -12.59 -19.08
N LYS B 201 18.66 -12.18 -19.05
CA LYS B 201 18.07 -11.45 -20.18
C LYS B 201 18.08 -9.95 -19.98
N LEU B 202 18.18 -9.51 -18.72
CA LEU B 202 18.22 -8.07 -18.43
C LEU B 202 19.66 -7.66 -18.12
N PRO B 203 19.94 -6.36 -18.21
CA PRO B 203 21.31 -5.89 -17.93
C PRO B 203 21.68 -5.98 -16.46
N LEU B 204 22.95 -6.30 -16.20
CA LEU B 204 23.46 -6.38 -14.85
C LEU B 204 23.97 -5.00 -14.43
N PRO B 205 23.93 -4.69 -13.14
CA PRO B 205 23.45 -5.54 -12.05
C PRO B 205 21.95 -5.43 -11.90
N ILE B 206 21.33 -6.51 -11.45
CA ILE B 206 19.90 -6.54 -11.24
C ILE B 206 19.59 -6.23 -9.78
N LYS B 207 18.69 -5.28 -9.54
CA LYS B 207 18.30 -4.92 -8.18
C LYS B 207 16.78 -5.00 -8.07
N LEU B 208 16.28 -6.01 -7.38
CA LEU B 208 14.84 -6.18 -7.23
C LEU B 208 14.47 -6.29 -5.76
N PHE B 209 13.28 -5.81 -5.41
CA PHE B 209 12.82 -5.88 -4.05
C PHE B 209 11.33 -6.24 -4.02
N SER B 210 10.84 -6.60 -2.84
CA SER B 210 9.44 -6.95 -2.71
C SER B 210 9.05 -7.12 -1.25
N ILE B 211 8.11 -6.33 -0.78
CA ILE B 211 7.66 -6.43 0.60
C ILE B 211 6.31 -7.11 0.56
N ASP B 212 6.31 -8.43 0.76
CA ASP B 212 5.07 -9.17 0.72
C ASP B 212 4.97 -10.18 1.85
N ARG B 213 3.79 -10.81 1.99
CA ARG B 213 3.53 -11.80 3.04
C ARG B 213 4.21 -13.15 2.82
N CYS B 214 4.40 -13.85 3.93
CA CYS B 214 5.01 -15.17 3.95
C CYS B 214 4.42 -15.89 5.15
N PHE B 215 4.27 -17.20 5.05
CA PHE B 215 3.67 -17.98 6.12
C PHE B 215 4.64 -19.00 6.72
N ARG B 216 4.64 -19.08 8.04
CA ARG B 216 5.53 -20.00 8.73
C ARG B 216 4.79 -20.70 9.86
N ARG B 217 5.31 -21.83 10.28
CA ARG B 217 4.73 -22.63 11.35
C ARG B 217 5.79 -22.72 12.42
N GLU B 218 5.47 -22.28 13.62
CA GLU B 218 6.40 -22.31 14.75
C GLU B 218 5.62 -22.36 16.05
N GLN B 219 5.49 -23.55 16.61
CA GLN B 219 4.77 -23.74 17.87
C GLN B 219 3.52 -22.86 17.88
N GLY B 220 2.40 -23.41 17.44
CA GLY B 220 1.15 -22.66 17.40
C GLY B 220 0.95 -21.77 18.61
N GLU B 221 1.57 -20.59 18.57
CA GLU B 221 1.49 -19.64 19.67
C GLU B 221 1.51 -18.22 19.10
N ASP B 222 0.49 -17.43 19.44
CA ASP B 222 0.39 -16.06 18.97
C ASP B 222 1.58 -15.26 19.47
N ALA B 223 2.06 -15.60 20.66
CA ALA B 223 3.20 -14.92 21.27
C ALA B 223 4.54 -15.27 20.59
N THR B 224 4.92 -16.53 20.67
CA THR B 224 6.19 -16.99 20.09
C THR B 224 6.07 -17.22 18.58
N ARG B 225 5.69 -16.16 17.85
CA ARG B 225 5.52 -16.16 16.40
C ARG B 225 4.07 -16.00 15.96
N LEU B 226 3.90 -15.83 14.65
CA LEU B 226 2.59 -15.68 14.03
C LEU B 226 2.63 -16.49 12.74
N TYR B 227 1.48 -16.99 12.30
CA TYR B 227 1.41 -17.80 11.08
C TYR B 227 1.86 -17.03 9.83
N THR B 228 1.51 -15.75 9.76
CA THR B 228 1.90 -14.93 8.62
C THR B 228 2.63 -13.68 9.04
N TYR B 229 3.62 -13.30 8.25
CA TYR B 229 4.39 -12.11 8.54
C TYR B 229 4.79 -11.43 7.23
N PHE B 230 5.54 -10.35 7.32
CA PHE B 230 5.99 -9.64 6.12
C PHE B 230 7.50 -9.69 6.03
N SER B 231 8.02 -9.74 4.81
CA SER B 231 9.45 -9.79 4.63
C SER B 231 9.90 -8.84 3.54
N ALA B 232 10.39 -7.66 3.93
CA ALA B 232 10.89 -6.69 2.96
C ALA B 232 12.19 -7.30 2.45
N SER B 233 12.13 -7.91 1.26
CA SER B 233 13.28 -8.59 0.69
C SER B 233 13.82 -7.97 -0.59
N CYS B 234 15.06 -8.30 -0.90
CA CYS B 234 15.71 -7.81 -2.12
C CYS B 234 16.76 -8.81 -2.63
N VAL B 235 17.11 -8.69 -3.90
CA VAL B 235 18.11 -9.57 -4.50
C VAL B 235 19.03 -8.75 -5.39
N LEU B 236 20.32 -9.03 -5.32
CA LEU B 236 21.29 -8.29 -6.10
C LEU B 236 21.99 -9.28 -7.00
N VAL B 237 21.70 -9.20 -8.29
CA VAL B 237 22.31 -10.08 -9.28
C VAL B 237 23.40 -9.31 -10.00
N ASP B 238 24.61 -9.85 -9.97
CA ASP B 238 25.73 -9.20 -10.63
C ASP B 238 26.83 -10.25 -10.81
N GLU B 239 27.77 -9.98 -11.71
CA GLU B 239 28.84 -10.91 -11.99
C GLU B 239 29.67 -11.17 -10.73
N GLU B 240 30.27 -10.11 -10.19
CA GLU B 240 31.09 -10.24 -8.98
C GLU B 240 30.37 -9.72 -7.73
N LEU B 241 30.29 -10.58 -6.71
CA LEU B 241 29.64 -10.23 -5.45
C LEU B 241 30.42 -10.71 -4.24
N SER B 242 30.30 -9.98 -3.14
CA SER B 242 30.97 -10.34 -1.89
C SER B 242 30.01 -10.02 -0.76
N VAL B 243 30.24 -10.61 0.41
CA VAL B 243 29.36 -10.35 1.54
C VAL B 243 29.29 -8.84 1.78
N ASP B 244 30.32 -8.12 1.36
CA ASP B 244 30.33 -6.67 1.52
C ASP B 244 29.06 -6.08 0.94
N ASP B 245 28.73 -6.49 -0.27
CA ASP B 245 27.53 -6.01 -0.95
C ASP B 245 26.30 -6.23 -0.09
N GLY B 246 26.34 -7.29 0.71
CA GLY B 246 25.22 -7.56 1.60
C GLY B 246 25.18 -6.51 2.70
N LYS B 247 26.35 -6.11 3.18
CA LYS B 247 26.44 -5.10 4.23
C LYS B 247 26.06 -3.75 3.66
N ALA B 248 26.75 -3.37 2.59
CA ALA B 248 26.49 -2.09 1.95
C ALA B 248 24.99 -1.84 1.76
N VAL B 249 24.26 -2.88 1.36
CA VAL B 249 22.82 -2.71 1.17
C VAL B 249 22.13 -2.59 2.51
N ALA B 250 22.42 -3.53 3.41
CA ALA B 250 21.83 -3.50 4.74
C ALA B 250 22.04 -2.12 5.34
N GLU B 251 23.22 -1.53 5.13
CA GLU B 251 23.46 -0.21 5.70
C GLU B 251 22.52 0.79 5.06
N ALA B 252 22.78 1.16 3.81
CA ALA B 252 21.95 2.12 3.10
C ALA B 252 20.46 1.91 3.33
N LEU B 253 20.05 0.67 3.58
CA LEU B 253 18.63 0.44 3.80
C LEU B 253 18.18 0.87 5.20
N LEU B 254 18.81 0.29 6.23
CA LEU B 254 18.47 0.64 7.61
C LEU B 254 18.66 2.11 7.94
N ARG B 255 19.70 2.72 7.37
CA ARG B 255 20.03 4.13 7.59
C ARG B 255 18.89 5.10 7.34
N GLN B 256 17.84 4.67 6.67
CA GLN B 256 16.73 5.55 6.41
C GLN B 256 15.65 5.37 7.45
N PHE B 257 15.97 4.62 8.51
CA PHE B 257 15.02 4.38 9.59
C PHE B 257 15.66 4.73 10.92
N GLY B 258 16.65 5.60 10.90
CA GLY B 258 17.32 5.98 12.12
C GLY B 258 18.64 5.30 12.39
N PHE B 259 18.62 3.98 12.60
CA PHE B 259 19.84 3.20 12.87
C PHE B 259 21.10 3.94 12.42
N GLU B 260 22.09 4.05 13.32
CA GLU B 260 23.31 4.78 13.00
C GLU B 260 24.59 3.96 12.92
N ASN B 261 24.59 2.76 13.48
CA ASN B 261 25.77 1.93 13.43
C ASN B 261 25.36 0.48 13.26
N PHE B 262 26.13 -0.27 12.48
CA PHE B 262 25.84 -1.67 12.20
C PHE B 262 26.99 -2.60 12.48
N ARG B 263 26.64 -3.83 12.83
CA ARG B 263 27.60 -4.88 13.11
C ARG B 263 27.01 -6.12 12.47
N PHE B 264 27.83 -6.88 11.74
CA PHE B 264 27.35 -8.09 11.11
C PHE B 264 28.06 -9.34 11.62
N ARG B 265 27.31 -10.32 12.09
CA ARG B 265 27.91 -11.56 12.56
C ARG B 265 27.56 -12.66 11.57
N LYS B 266 28.30 -13.78 11.62
CA LYS B 266 28.03 -14.90 10.73
C LYS B 266 26.99 -15.82 11.36
N ASP B 267 25.91 -16.07 10.63
CA ASP B 267 24.82 -16.91 11.14
C ASP B 267 25.23 -18.36 11.33
N GLU B 268 24.84 -18.92 12.47
CA GLU B 268 25.17 -20.30 12.79
C GLU B 268 24.44 -21.32 11.92
N LYS B 269 23.16 -21.09 11.65
CA LYS B 269 22.40 -22.01 10.82
C LYS B 269 23.20 -22.55 9.64
N ARG B 270 23.85 -21.64 8.92
CA ARG B 270 24.62 -22.00 7.73
C ARG B 270 23.68 -22.78 6.82
N SER B 271 22.64 -22.08 6.34
CA SER B 271 21.63 -22.67 5.47
C SER B 271 22.19 -23.07 4.12
N LYS B 272 21.54 -24.06 3.51
CA LYS B 272 21.97 -24.59 2.24
C LYS B 272 21.84 -23.69 1.02
N TYR B 273 20.73 -22.94 0.92
CA TYR B 273 20.54 -22.08 -0.25
C TYR B 273 21.55 -20.93 -0.34
N TYR B 274 22.22 -20.65 0.77
CA TYR B 274 23.25 -19.61 0.80
C TYR B 274 24.60 -20.27 0.73
N ILE B 275 25.54 -19.61 0.06
CA ILE B 275 26.91 -20.10 -0.06
C ILE B 275 27.44 -20.37 1.33
N PRO B 276 28.37 -21.32 1.47
CA PRO B 276 28.86 -21.53 2.83
C PRO B 276 29.64 -20.30 3.28
N ASP B 277 29.37 -19.85 4.50
CA ASP B 277 30.06 -18.70 5.07
C ASP B 277 29.72 -17.36 4.43
N THR B 278 28.44 -17.11 4.21
CA THR B 278 27.99 -15.85 3.65
C THR B 278 26.69 -15.47 4.35
N GLN B 279 25.96 -16.47 4.83
CA GLN B 279 24.73 -16.18 5.56
C GLN B 279 25.16 -15.37 6.76
N THR B 280 24.94 -14.07 6.65
CA THR B 280 25.29 -13.11 7.66
C THR B 280 24.07 -12.64 8.43
N GLU B 281 24.27 -12.28 9.69
CA GLU B 281 23.19 -11.75 10.52
C GLU B 281 23.55 -10.29 10.75
N VAL B 282 22.68 -9.38 10.32
CA VAL B 282 22.96 -7.96 10.46
C VAL B 282 22.31 -7.33 11.70
N PHE B 283 23.15 -6.68 12.51
CA PHE B 283 22.77 -6.00 13.75
C PHE B 283 22.90 -4.49 13.59
N ALA B 284 21.88 -3.74 13.99
CA ALA B 284 21.90 -2.30 13.86
C ALA B 284 21.56 -1.62 15.16
N PHE B 285 22.21 -0.49 15.41
CA PHE B 285 21.97 0.29 16.62
C PHE B 285 21.07 1.45 16.30
N HIS B 286 19.96 1.53 17.02
CA HIS B 286 19.00 2.60 16.82
C HIS B 286 18.71 3.28 18.15
N PRO B 287 18.85 4.61 18.21
CA PRO B 287 18.60 5.39 19.41
C PRO B 287 17.31 5.08 20.17
N LYS B 288 16.17 5.12 19.47
CA LYS B 288 14.90 4.86 20.13
C LYS B 288 14.92 3.66 21.06
N LEU B 289 15.91 2.79 20.90
CA LEU B 289 16.04 1.59 21.72
C LEU B 289 16.81 1.78 23.02
N VAL B 290 17.79 2.68 23.02
CA VAL B 290 18.62 2.91 24.21
C VAL B 290 17.79 3.01 25.49
N GLY B 291 17.96 2.02 26.36
CA GLY B 291 17.23 1.99 27.62
C GLY B 291 15.74 1.86 27.40
N SER B 292 15.23 0.64 27.49
CA SER B 292 13.80 0.41 27.30
C SER B 292 13.33 -0.86 28.01
N SER B 293 12.01 -1.00 28.14
CA SER B 293 11.41 -2.16 28.79
C SER B 293 11.68 -3.42 27.99
N THR B 294 12.66 -3.36 27.10
CA THR B 294 13.02 -4.48 26.25
C THR B 294 14.40 -5.03 26.59
N LYS B 295 14.90 -5.91 25.73
CA LYS B 295 16.21 -6.53 25.90
C LYS B 295 17.26 -5.76 25.12
N TYR B 296 16.84 -4.69 24.45
CA TYR B 296 17.75 -3.87 23.66
C TYR B 296 18.01 -2.54 24.34
N SER B 297 18.49 -2.60 25.58
CA SER B 297 18.78 -1.38 26.32
C SER B 297 19.97 -0.66 25.71
N ASP B 298 20.97 -1.41 25.31
CA ASP B 298 22.18 -0.83 24.71
C ASP B 298 21.96 -0.23 23.33
N GLY B 299 20.73 -0.34 22.82
CA GLY B 299 20.43 0.22 21.51
C GLY B 299 20.51 -0.72 20.33
N TRP B 300 21.33 -1.76 20.45
CA TRP B 300 21.51 -2.73 19.37
C TRP B 300 20.40 -3.76 19.31
N ILE B 301 20.01 -4.10 18.09
CA ILE B 301 18.94 -5.06 17.83
C ILE B 301 19.29 -5.72 16.49
N GLU B 302 19.05 -7.04 16.36
CA GLU B 302 19.31 -7.76 15.10
C GLU B 302 18.09 -7.53 14.23
N ILE B 303 18.24 -6.80 13.12
CA ILE B 303 17.11 -6.47 12.28
C ILE B 303 16.94 -7.14 10.92
N ALA B 304 17.99 -7.79 10.39
CA ALA B 304 17.87 -8.44 9.10
C ALA B 304 18.87 -9.57 8.89
N THR B 305 18.78 -10.25 7.76
CA THR B 305 19.68 -11.35 7.45
C THR B 305 20.03 -11.24 5.98
N PHE B 306 21.08 -11.93 5.56
CA PHE B 306 21.49 -11.88 4.16
C PHE B 306 22.66 -12.78 3.84
N GLY B 307 22.79 -13.16 2.58
CA GLY B 307 23.88 -14.01 2.17
C GLY B 307 23.84 -14.19 0.66
N ILE B 308 24.82 -14.90 0.11
CA ILE B 308 24.82 -15.15 -1.33
C ILE B 308 24.21 -16.51 -1.61
N TYR B 309 23.43 -16.60 -2.69
CA TYR B 309 22.78 -17.85 -3.05
C TYR B 309 23.79 -18.84 -3.62
N SER B 310 23.87 -20.02 -3.02
CA SER B 310 24.80 -21.05 -3.48
C SER B 310 24.69 -21.26 -4.98
N PRO B 311 25.83 -21.26 -5.67
CA PRO B 311 25.80 -21.47 -7.13
C PRO B 311 25.11 -22.80 -7.43
N THR B 312 24.72 -23.50 -6.37
CA THR B 312 24.03 -24.77 -6.48
C THR B 312 22.57 -24.53 -6.82
N ALA B 313 21.82 -23.98 -5.87
CA ALA B 313 20.41 -23.69 -6.08
C ALA B 313 20.24 -22.84 -7.33
N LEU B 314 21.20 -21.96 -7.57
CA LEU B 314 21.14 -21.09 -8.74
C LEU B 314 21.05 -21.91 -10.02
N ALA B 315 21.83 -22.99 -10.09
CA ALA B 315 21.82 -23.86 -11.24
C ALA B 315 20.48 -24.58 -11.32
N GLU B 316 19.93 -24.94 -10.16
CA GLU B 316 18.64 -25.61 -10.10
C GLU B 316 17.60 -24.83 -10.88
N TYR B 317 17.94 -23.59 -11.22
CA TYR B 317 17.06 -22.72 -11.98
C TYR B 317 17.82 -22.11 -13.15
N ASP B 318 19.00 -22.66 -13.41
CA ASP B 318 19.85 -22.20 -14.49
C ASP B 318 20.19 -20.72 -14.41
N ILE B 319 20.56 -20.28 -13.21
CA ILE B 319 20.97 -18.89 -13.01
C ILE B 319 22.49 -18.95 -12.99
N PRO B 320 23.14 -18.34 -13.99
CA PRO B 320 24.60 -18.30 -14.16
C PRO B 320 25.37 -17.43 -13.18
N TYR B 321 24.83 -16.24 -12.95
CA TYR B 321 25.45 -15.27 -12.06
C TYR B 321 25.09 -15.44 -10.58
N PRO B 322 26.00 -15.03 -9.69
CA PRO B 322 25.76 -15.13 -8.25
C PRO B 322 24.69 -14.11 -7.87
N VAL B 323 24.11 -14.23 -6.68
CA VAL B 323 23.08 -13.30 -6.27
C VAL B 323 23.01 -13.04 -4.76
N MET B 324 23.01 -11.76 -4.41
CA MET B 324 22.94 -11.29 -3.03
C MET B 324 21.48 -11.22 -2.62
N ASN B 325 21.20 -11.50 -1.34
CA ASN B 325 19.83 -11.48 -0.85
C ASN B 325 19.79 -11.02 0.61
N LEU B 326 19.12 -9.90 0.85
CA LEU B 326 18.97 -9.29 2.17
C LEU B 326 17.49 -9.47 2.53
N GLY B 327 17.19 -9.73 3.81
CA GLY B 327 15.79 -9.93 4.18
C GLY B 327 15.33 -9.29 5.48
N LEU B 328 15.02 -8.00 5.42
CA LEU B 328 14.54 -7.25 6.58
C LEU B 328 13.16 -7.76 6.99
N GLY B 329 12.99 -8.07 8.27
CA GLY B 329 11.70 -8.53 8.75
C GLY B 329 10.92 -7.31 9.17
N VAL B 330 9.76 -7.08 8.55
CA VAL B 330 8.98 -5.88 8.84
C VAL B 330 8.47 -5.65 10.26
N GLU B 331 7.57 -6.52 10.73
CA GLU B 331 6.98 -6.38 12.06
C GLU B 331 7.87 -5.78 13.13
N ARG B 332 9.11 -6.24 13.23
CA ARG B 332 10.01 -5.68 14.24
C ARG B 332 10.27 -4.22 13.93
N LEU B 333 10.93 -3.98 12.80
CA LEU B 333 11.25 -2.65 12.33
C LEU B 333 10.09 -1.71 12.60
N ALA B 334 8.87 -2.23 12.52
CA ALA B 334 7.69 -1.40 12.76
C ALA B 334 7.56 -1.08 14.24
N MET B 335 7.80 -2.08 15.08
CA MET B 335 7.70 -1.90 16.53
C MET B 335 8.71 -0.85 16.97
N ILE B 336 9.94 -0.99 16.50
CA ILE B 336 10.99 -0.05 16.84
C ILE B 336 10.60 1.36 16.42
N LEU B 337 10.07 1.48 15.22
CA LEU B 337 9.67 2.77 14.70
C LEU B 337 8.46 3.35 15.41
N TYR B 338 7.40 2.56 15.52
CA TYR B 338 6.19 3.06 16.14
C TYR B 338 6.06 2.77 17.63
N GLY B 339 7.16 2.32 18.22
CA GLY B 339 7.18 2.04 19.63
C GLY B 339 6.11 1.12 20.17
N TYR B 340 6.33 -0.18 20.00
CA TYR B 340 5.43 -1.20 20.51
C TYR B 340 6.36 -2.25 21.08
N ASP B 341 5.89 -2.98 22.07
CA ASP B 341 6.72 -4.01 22.67
C ASP B 341 6.29 -5.40 22.24
N ASP B 342 4.97 -5.61 22.16
CA ASP B 342 4.44 -6.91 21.80
C ASP B 342 3.91 -7.03 20.39
N VAL B 343 4.62 -7.79 19.57
CA VAL B 343 4.21 -8.03 18.19
C VAL B 343 2.69 -8.06 18.06
N ARG B 344 2.09 -9.12 18.58
CA ARG B 344 0.64 -9.32 18.54
C ARG B 344 -0.21 -8.12 18.96
N LYS B 345 0.21 -7.41 20.01
CA LYS B 345 -0.55 -6.26 20.46
C LYS B 345 -0.48 -5.13 19.45
N MET B 346 0.61 -5.09 18.69
CA MET B 346 0.79 -4.05 17.71
C MET B 346 0.03 -4.33 16.43
N VAL B 347 0.41 -5.39 15.73
CA VAL B 347 -0.25 -5.73 14.49
C VAL B 347 -1.75 -5.95 14.62
N TYR B 348 -2.17 -6.76 15.60
CA TYR B 348 -3.59 -7.08 15.87
C TYR B 348 -4.05 -6.51 17.22
N PRO B 349 -4.19 -5.18 17.32
CA PRO B 349 -4.61 -4.46 18.52
C PRO B 349 -6.07 -4.45 18.92
N GLN B 350 -6.97 -4.37 17.95
CA GLN B 350 -8.40 -4.35 18.30
C GLN B 350 -8.74 -5.62 19.05
N ILE B 351 -8.22 -6.74 18.55
CA ILE B 351 -8.46 -8.05 19.12
C ILE B 351 -7.94 -8.19 20.54
N HIS B 352 -6.78 -7.59 20.82
CA HIS B 352 -6.19 -7.67 22.14
C HIS B 352 -6.65 -6.55 23.06
N GLY B 353 -7.86 -6.06 22.79
CA GLY B 353 -8.45 -5.00 23.59
C GLY B 353 -7.55 -3.80 23.86
N GLU B 354 -6.69 -3.46 22.90
CA GLU B 354 -5.80 -2.34 23.07
C GLU B 354 -6.39 -1.05 22.52
N ILE B 355 -7.72 -0.96 22.54
CA ILE B 355 -8.40 0.23 22.04
C ILE B 355 -8.26 1.33 23.08
N LYS B 356 -8.49 2.57 22.67
CA LYS B 356 -8.38 3.70 23.59
C LYS B 356 -8.88 5.01 23.05
N LEU B 357 -9.73 5.66 23.83
CA LEU B 357 -10.26 6.97 23.48
C LEU B 357 -9.40 7.93 24.28
N SER B 358 -9.31 9.19 23.85
CA SER B 358 -8.50 10.16 24.57
C SER B 358 -9.37 11.02 25.47
N ASP B 359 -8.73 11.74 26.37
CA ASP B 359 -9.46 12.61 27.29
C ASP B 359 -10.39 13.48 26.47
N LEU B 360 -9.82 14.12 25.45
CA LEU B 360 -10.54 15.01 24.56
C LEU B 360 -11.70 14.35 23.80
N ASP B 361 -11.51 13.08 23.42
CA ASP B 361 -12.55 12.35 22.69
C ASP B 361 -13.73 11.99 23.56
N ILE B 362 -13.45 11.78 24.85
CA ILE B 362 -14.48 11.45 25.82
C ILE B 362 -15.27 12.74 26.07
N ALA B 363 -14.52 13.82 26.27
CA ALA B 363 -15.13 15.12 26.50
C ALA B 363 -16.04 15.49 25.35
N ARG B 364 -15.69 15.06 24.15
CA ARG B 364 -16.49 15.36 22.98
C ARG B 364 -17.77 14.53 22.96
N GLU B 365 -17.76 13.38 23.61
CA GLU B 365 -18.92 12.49 23.61
C GLU B 365 -19.96 12.79 24.68
N ILE B 366 -19.61 13.66 25.62
CA ILE B 366 -20.52 14.05 26.69
C ILE B 366 -21.48 15.11 26.17
N LYS B 367 -22.64 14.69 25.70
CA LYS B 367 -23.64 15.61 25.16
C LYS B 367 -24.61 16.08 26.24
N VAL B 368 -25.55 16.92 25.83
CA VAL B 368 -26.55 17.44 26.76
C VAL B 368 -27.90 16.86 26.35
N LYS B 369 -28.45 16.00 27.19
CA LYS B 369 -29.73 15.34 26.91
C LYS B 369 -30.85 16.34 26.60
N GLU B 370 -31.43 16.92 27.65
CA GLU B 370 -32.52 17.88 27.50
C GLU B 370 -32.02 19.24 27.03
N VAL B 371 -32.26 19.54 25.75
CA VAL B 371 -31.83 20.82 25.19
C VAL B 371 -32.96 21.53 24.45
N PRO B 372 -33.13 22.84 24.69
CA PRO B 372 -34.15 23.70 24.10
C PRO B 372 -34.43 23.41 22.62
N GLN B 373 -35.41 24.12 22.06
CA GLN B 373 -35.78 23.91 20.67
C GLN B 373 -36.20 25.23 20.02
N THR B 374 -36.49 26.23 20.84
CA THR B 374 -36.91 27.53 20.33
C THR B 374 -35.98 28.65 20.78
N ALA B 375 -35.68 29.55 19.86
CA ALA B 375 -34.79 30.69 20.12
C ALA B 375 -35.02 31.31 21.48
N VAL B 376 -36.26 31.22 21.96
CA VAL B 376 -36.63 31.77 23.26
C VAL B 376 -35.96 30.95 24.36
N GLY B 377 -36.30 29.68 24.43
CA GLY B 377 -35.72 28.80 25.43
C GLY B 377 -34.23 28.94 25.55
N LEU B 378 -33.55 29.11 24.42
CA LEU B 378 -32.11 29.27 24.41
C LEU B 378 -31.73 30.45 25.29
N LYS B 379 -32.58 31.47 25.30
CA LYS B 379 -32.34 32.65 26.10
C LYS B 379 -32.82 32.42 27.53
N ILE B 380 -33.93 31.71 27.68
CA ILE B 380 -34.46 31.42 29.01
C ILE B 380 -33.35 30.79 29.85
N ALA B 381 -32.74 29.74 29.32
CA ALA B 381 -31.66 29.04 30.00
C ALA B 381 -30.47 29.98 30.12
N GLN B 382 -30.10 30.60 29.01
CA GLN B 382 -28.96 31.52 28.99
C GLN B 382 -29.14 32.50 30.13
N SER B 383 -30.38 32.92 30.35
CA SER B 383 -30.72 33.88 31.41
C SER B 383 -30.72 33.21 32.79
N ILE B 384 -31.40 32.08 32.91
CA ILE B 384 -31.45 31.37 34.19
C ILE B 384 -30.03 31.30 34.75
N VAL B 385 -29.05 31.34 33.85
CA VAL B 385 -27.66 31.31 34.25
C VAL B 385 -27.34 32.60 34.98
N GLU B 386 -27.52 33.72 34.29
CA GLU B 386 -27.25 35.05 34.85
C GLU B 386 -27.70 35.23 36.30
N THR B 387 -29.01 35.19 36.51
CA THR B 387 -29.58 35.37 37.85
C THR B 387 -29.14 34.31 38.87
N ALA B 388 -28.99 33.07 38.43
CA ALA B 388 -28.58 31.99 39.31
C ALA B 388 -27.07 32.00 39.54
N GLU B 389 -26.34 32.49 38.54
CA GLU B 389 -24.88 32.57 38.59
C GLU B 389 -24.42 33.71 39.48
N LYS B 390 -25.24 34.77 39.54
CA LYS B 390 -24.92 35.94 40.35
C LYS B 390 -25.45 35.82 41.78
N HIS B 391 -26.77 35.70 41.91
CA HIS B 391 -27.42 35.58 43.21
C HIS B 391 -27.25 34.17 43.79
N ALA B 392 -26.01 33.70 43.82
CA ALA B 392 -25.71 32.37 44.33
C ALA B 392 -25.68 32.30 45.85
N SER B 393 -25.34 33.41 46.49
CA SER B 393 -25.27 33.47 47.94
C SER B 393 -26.35 34.37 48.53
N GLU B 394 -27.61 33.97 48.34
CA GLU B 394 -28.75 34.73 48.84
C GLU B 394 -29.57 33.90 49.83
N PRO B 395 -29.40 34.16 51.15
CA PRO B 395 -30.13 33.43 52.19
C PRO B 395 -31.61 33.22 51.87
N SER B 396 -31.88 32.09 51.22
CA SER B 396 -33.23 31.71 50.82
C SER B 396 -34.25 31.85 51.94
N PRO B 397 -35.55 31.93 51.61
CA PRO B 397 -36.10 31.89 50.23
C PRO B 397 -35.99 33.26 49.54
N CYS B 398 -36.25 33.28 48.24
CA CYS B 398 -36.18 34.52 47.47
C CYS B 398 -36.28 34.27 45.97
N SER B 399 -37.26 34.91 45.34
CA SER B 399 -37.44 34.77 43.90
C SER B 399 -36.45 35.71 43.21
N PHE B 400 -36.35 35.58 41.89
CA PHE B 400 -35.45 36.41 41.09
C PHE B 400 -35.87 36.35 39.62
N LEU B 401 -36.42 37.45 39.11
CA LEU B 401 -36.85 37.48 37.72
C LEU B 401 -35.66 37.18 36.82
N ALA B 402 -35.82 36.18 35.96
CA ALA B 402 -34.76 35.78 35.05
C ALA B 402 -35.06 36.13 33.60
N PHE B 403 -36.30 35.92 33.20
CA PHE B 403 -36.70 36.21 31.82
C PHE B 403 -38.08 36.84 31.74
N GLU B 404 -38.23 37.76 30.79
CA GLU B 404 -39.49 38.46 30.54
C GLU B 404 -39.71 38.57 29.04
N GLY B 405 -40.58 37.72 28.50
CA GLY B 405 -40.84 37.76 27.07
C GLY B 405 -41.97 36.86 26.60
N GLU B 406 -42.24 36.91 25.31
CA GLU B 406 -43.30 36.10 24.70
C GLU B 406 -42.75 34.88 23.99
N MET B 407 -43.11 33.70 24.48
CA MET B 407 -42.66 32.44 23.90
C MET B 407 -43.81 31.72 23.19
N MET B 408 -43.59 31.41 21.92
CA MET B 408 -44.60 30.70 21.12
C MET B 408 -45.94 31.44 21.09
N GLY B 409 -45.92 32.71 21.46
CA GLY B 409 -47.15 33.50 21.47
C GLY B 409 -47.88 33.48 22.79
N ARG B 410 -47.13 33.46 23.89
CA ARG B 410 -47.71 33.44 25.23
C ARG B 410 -46.75 34.10 26.22
N ASN B 411 -47.28 35.00 27.05
CA ASN B 411 -46.46 35.69 28.04
C ASN B 411 -45.73 34.68 28.92
N VAL B 412 -44.41 34.76 28.95
CA VAL B 412 -43.61 33.85 29.73
C VAL B 412 -42.70 34.56 30.73
N ARG B 413 -42.72 34.08 31.97
CA ARG B 413 -41.90 34.63 33.04
C ARG B 413 -41.48 33.53 34.01
N VAL B 414 -40.20 33.19 33.98
CA VAL B 414 -39.66 32.14 34.84
C VAL B 414 -38.77 32.76 35.91
N TYR B 415 -38.75 32.14 37.09
CA TYR B 415 -37.95 32.65 38.20
C TYR B 415 -37.09 31.56 38.84
N VAL B 416 -35.97 31.97 39.42
CA VAL B 416 -35.04 31.06 40.10
C VAL B 416 -35.30 31.17 41.60
N VAL B 417 -35.92 30.15 42.17
CA VAL B 417 -36.24 30.18 43.60
C VAL B 417 -35.58 29.09 44.45
N ASN B 418 -35.96 29.10 45.72
CA ASN B 418 -35.48 28.14 46.70
C ASN B 418 -36.58 28.02 47.74
N GLU B 419 -36.86 26.81 48.20
CA GLU B 419 -37.92 26.57 49.18
C GLU B 419 -37.45 26.66 50.63
N ASN B 420 -36.49 25.82 50.99
CA ASN B 420 -35.97 25.79 52.35
C ASN B 420 -35.32 27.13 52.75
N GLU B 421 -34.61 27.13 53.88
CA GLU B 421 -33.95 28.33 54.36
C GLU B 421 -32.63 27.99 55.05
N ASN B 422 -32.01 28.98 55.67
CA ASN B 422 -30.74 28.78 56.38
C ASN B 422 -29.66 28.33 55.40
N THR B 423 -29.93 28.54 54.12
CA THR B 423 -28.98 28.17 53.06
C THR B 423 -28.95 29.28 52.02
N LYS B 424 -28.47 28.94 50.83
CA LYS B 424 -28.39 29.93 49.75
C LYS B 424 -29.20 29.50 48.54
N LEU B 425 -29.59 30.47 47.72
CA LEU B 425 -30.38 30.21 46.52
C LEU B 425 -29.97 28.94 45.80
N CYS B 426 -28.72 28.87 45.36
CA CYS B 426 -28.22 27.70 44.66
C CYS B 426 -27.21 26.94 45.51
N GLY B 427 -27.25 25.61 45.42
CA GLY B 427 -26.35 24.78 46.19
C GLY B 427 -24.89 25.16 45.97
N PRO B 428 -23.97 24.58 46.76
CA PRO B 428 -22.54 24.88 46.63
C PRO B 428 -21.91 24.41 45.32
N ALA B 429 -22.30 23.22 44.87
CA ALA B 429 -21.75 22.66 43.65
C ALA B 429 -22.58 23.03 42.42
N TYR B 430 -23.06 24.27 42.38
CA TYR B 430 -23.87 24.71 41.25
C TYR B 430 -22.95 25.06 40.09
N ALA B 431 -21.77 25.56 40.43
CA ALA B 431 -20.78 25.96 39.42
C ALA B 431 -19.69 24.91 39.27
N ASN B 432 -20.10 23.65 39.22
CA ASN B 432 -19.16 22.55 39.05
C ASN B 432 -19.14 22.18 37.58
N GLU B 433 -17.94 22.04 37.04
CA GLU B 433 -17.74 21.70 35.63
C GLU B 433 -17.41 20.22 35.48
N VAL B 434 -17.63 19.69 34.28
CA VAL B 434 -17.35 18.29 33.99
C VAL B 434 -16.02 18.19 33.26
N VAL B 435 -14.96 17.87 34.00
CA VAL B 435 -13.65 17.74 33.37
C VAL B 435 -13.23 16.29 33.21
N VAL B 436 -12.84 15.92 32.00
CA VAL B 436 -12.39 14.57 31.71
C VAL B 436 -10.90 14.60 32.00
N TYR B 437 -10.40 13.63 32.75
CA TYR B 437 -8.98 13.58 33.06
C TYR B 437 -8.54 12.16 33.39
N LYS B 438 -7.43 11.75 32.78
CA LYS B 438 -6.89 10.42 32.97
C LYS B 438 -7.90 9.33 32.66
N GLY B 439 -8.91 9.67 31.86
CA GLY B 439 -9.91 8.68 31.47
C GLY B 439 -11.15 8.54 32.32
N ASP B 440 -11.31 9.42 33.31
CA ASP B 440 -12.47 9.38 34.19
C ASP B 440 -13.23 10.69 34.05
N ILE B 441 -14.55 10.63 33.94
CA ILE B 441 -15.33 11.86 33.84
C ILE B 441 -15.54 12.39 35.26
N TYR B 442 -15.31 13.68 35.46
CA TYR B 442 -15.47 14.30 36.78
C TYR B 442 -16.40 15.50 36.80
N GLY B 443 -17.05 15.67 37.96
CA GLY B 443 -17.96 16.79 38.18
C GLY B 443 -17.41 17.53 39.38
N ILE B 444 -16.38 18.34 39.15
CA ILE B 444 -15.73 19.08 40.20
C ILE B 444 -15.76 20.59 39.97
N PRO B 445 -15.44 21.37 41.02
CA PRO B 445 -15.42 22.84 40.96
C PRO B 445 -13.97 23.33 40.85
N LYS B 446 -13.74 24.47 40.21
CA LYS B 446 -12.38 24.97 40.08
C LYS B 446 -11.79 25.28 41.45
N THR B 447 -10.58 24.77 41.69
CA THR B 447 -9.92 24.96 42.98
C THR B 447 -8.40 24.92 42.82
N LYS B 448 -7.70 25.14 43.92
CA LYS B 448 -6.25 25.09 43.94
C LYS B 448 -5.92 23.66 44.31
N LYS B 449 -6.98 22.86 44.42
CA LYS B 449 -6.91 21.45 44.76
C LYS B 449 -7.11 20.62 43.51
N TRP B 450 -7.89 21.18 42.59
CA TRP B 450 -8.20 20.50 41.33
C TRP B 450 -7.34 20.90 40.14
N ARG B 451 -6.50 21.93 40.31
CA ARG B 451 -5.64 22.39 39.22
C ARG B 451 -5.17 21.29 38.28
N SER B 452 -4.50 20.28 38.85
CA SER B 452 -4.00 19.17 38.07
C SER B 452 -5.01 18.69 37.03
N PHE B 453 -6.29 18.75 37.38
CA PHE B 453 -7.35 18.29 36.48
C PHE B 453 -7.79 19.29 35.42
N PHE B 454 -7.64 20.57 35.70
CA PHE B 454 -8.06 21.56 34.71
C PHE B 454 -6.91 21.95 33.78
N GLU B 455 -5.68 21.53 34.13
CA GLU B 455 -4.53 21.86 33.30
C GLU B 455 -3.92 20.64 32.63
N GLU B 456 -4.44 19.46 32.96
CA GLU B 456 -3.94 18.22 32.36
C GLU B 456 -5.09 17.53 31.64
N GLY B 457 -6.27 17.59 32.24
CA GLY B 457 -7.43 16.99 31.62
C GLY B 457 -7.97 17.94 30.58
N VAL B 458 -9.23 17.75 30.18
CA VAL B 458 -9.82 18.64 29.20
C VAL B 458 -11.24 18.88 29.67
N PRO B 459 -11.51 20.12 30.13
CA PRO B 459 -12.81 20.57 30.63
C PRO B 459 -13.87 20.53 29.55
N THR B 460 -15.09 20.12 29.92
CA THR B 460 -16.16 20.04 28.95
C THR B 460 -16.80 21.40 28.73
N GLY B 461 -16.60 22.29 29.69
CA GLY B 461 -17.18 23.62 29.58
C GLY B 461 -18.62 23.67 30.07
N ILE B 462 -19.10 22.55 30.61
CA ILE B 462 -20.46 22.52 31.11
C ILE B 462 -20.41 22.40 32.64
N ARG B 463 -21.16 23.26 33.31
CA ARG B 463 -21.23 23.22 34.76
C ARG B 463 -22.62 22.78 35.13
N TYR B 464 -22.76 22.12 36.27
CA TYR B 464 -24.05 21.64 36.72
C TYR B 464 -25.18 22.60 36.34
N ILE B 465 -25.12 23.83 36.85
CA ILE B 465 -26.14 24.83 36.54
C ILE B 465 -26.31 24.98 35.04
N ASP B 466 -25.19 25.11 34.33
CA ASP B 466 -25.21 25.26 32.87
C ASP B 466 -25.94 24.07 32.28
N GLY B 467 -25.82 22.92 32.94
CA GLY B 467 -26.50 21.73 32.47
C GLY B 467 -27.98 21.80 32.78
N PHE B 468 -28.29 22.08 34.03
CA PHE B 468 -29.67 22.19 34.48
C PHE B 468 -30.43 23.26 33.70
N ALA B 469 -29.86 24.45 33.64
CA ALA B 469 -30.48 25.57 32.93
C ALA B 469 -31.13 25.11 31.63
N TYR B 470 -30.46 24.22 30.92
CA TYR B 470 -30.98 23.70 29.65
C TYR B 470 -32.14 22.75 29.84
N TYR B 471 -32.19 22.07 30.99
CA TYR B 471 -33.29 21.16 31.26
C TYR B 471 -34.51 22.03 31.43
N ALA B 472 -34.40 22.98 32.36
CA ALA B 472 -35.47 23.90 32.65
C ALA B 472 -35.92 24.59 31.36
N ALA B 473 -34.96 25.12 30.61
CA ALA B 473 -35.27 25.81 29.36
C ALA B 473 -36.18 24.99 28.47
N ARG B 474 -36.24 23.68 28.72
CA ARG B 474 -37.08 22.79 27.93
C ARG B 474 -38.49 22.69 28.54
N LYS B 475 -38.55 22.44 29.84
CA LYS B 475 -39.82 22.32 30.53
C LYS B 475 -40.74 23.49 30.20
N VAL B 476 -40.25 24.71 30.40
CA VAL B 476 -41.03 25.91 30.12
C VAL B 476 -41.60 25.94 28.70
N GLU B 477 -40.79 25.53 27.73
CA GLU B 477 -41.24 25.52 26.34
C GLU B 477 -42.28 24.42 26.13
N GLU B 478 -42.25 23.41 26.99
CA GLU B 478 -43.20 22.30 26.90
C GLU B 478 -44.60 22.81 27.24
N ALA B 479 -44.71 23.51 28.37
CA ALA B 479 -45.98 24.06 28.81
C ALA B 479 -46.53 25.01 27.77
N ALA B 480 -45.65 25.52 26.91
CA ALA B 480 -46.03 26.45 25.85
C ALA B 480 -46.74 25.67 24.74
N MET B 481 -46.86 24.36 24.95
CA MET B 481 -47.54 23.47 24.01
C MET B 481 -48.74 22.88 24.71
N ARG B 482 -48.62 22.67 26.02
CA ARG B 482 -49.72 22.14 26.82
C ARG B 482 -50.50 23.31 27.39
N GLU B 483 -50.19 24.50 26.90
CA GLU B 483 -50.84 25.74 27.32
C GLU B 483 -51.24 25.75 28.79
N GLN B 484 -50.37 25.24 29.65
CA GLN B 484 -50.67 25.21 31.08
C GLN B 484 -50.66 26.62 31.64
N GLU B 485 -49.88 26.83 32.71
CA GLU B 485 -49.77 28.14 33.34
C GLU B 485 -48.78 28.21 34.48
N GLU B 486 -48.19 27.07 34.84
CA GLU B 486 -47.21 27.04 35.93
C GLU B 486 -46.45 25.72 36.08
N VAL B 487 -45.16 25.75 35.76
CA VAL B 487 -44.29 24.58 35.86
C VAL B 487 -43.11 24.91 36.78
N LYS B 488 -42.92 24.12 37.82
CA LYS B 488 -41.84 24.37 38.77
C LYS B 488 -40.84 23.21 38.84
N VAL B 489 -40.00 23.11 37.81
CA VAL B 489 -38.98 22.06 37.73
C VAL B 489 -37.94 22.22 38.85
N LYS B 490 -37.61 21.12 39.52
CA LYS B 490 -36.65 21.16 40.60
C LYS B 490 -35.68 19.98 40.63
N ALA B 491 -34.43 20.27 40.99
CA ALA B 491 -33.39 19.24 41.06
C ALA B 491 -32.63 19.32 42.38
N ARG B 492 -32.59 18.20 43.10
CA ARG B 492 -31.91 18.15 44.39
C ARG B 492 -30.43 17.82 44.27
N ILE B 493 -30.07 16.62 44.71
CA ILE B 493 -28.68 16.16 44.65
C ILE B 493 -28.34 15.53 43.30
N VAL B 494 -27.05 15.47 43.01
CA VAL B 494 -26.57 14.88 41.76
C VAL B 494 -25.80 13.62 42.09
N GLU B 495 -26.14 12.52 41.42
CA GLU B 495 -25.46 11.25 41.64
C GLU B 495 -24.77 10.80 40.36
N ASN B 496 -25.28 11.27 39.24
CA ASN B 496 -24.73 10.90 37.95
C ASN B 496 -24.90 12.03 36.94
N LEU B 497 -24.71 11.69 35.66
CA LEU B 497 -24.86 12.67 34.60
C LEU B 497 -26.34 13.00 34.44
N SER B 498 -27.18 11.98 34.56
CA SER B 498 -28.62 12.14 34.43
C SER B 498 -29.08 13.31 35.29
N ASP B 499 -28.61 13.34 36.54
CA ASP B 499 -28.98 14.40 37.47
C ASP B 499 -28.19 15.67 37.16
N ILE B 500 -28.02 15.94 35.87
CA ILE B 500 -27.29 17.11 35.41
C ILE B 500 -27.61 17.43 33.96
N ASN B 501 -28.44 16.58 33.37
CA ASN B 501 -28.88 16.72 31.98
C ASN B 501 -27.87 16.12 31.01
N LEU B 502 -26.65 15.91 31.48
CA LEU B 502 -25.59 15.34 30.65
C LEU B 502 -25.79 13.85 30.42
N TYR B 503 -25.16 13.33 29.38
CA TYR B 503 -25.25 11.91 29.06
C TYR B 503 -24.21 11.56 28.01
N ILE B 504 -24.01 10.27 27.79
CA ILE B 504 -23.05 9.82 26.80
C ILE B 504 -23.58 8.57 26.13
N HIS B 505 -23.38 8.48 24.82
CA HIS B 505 -23.84 7.33 24.04
C HIS B 505 -23.43 6.04 24.75
N GLU B 506 -24.24 5.00 24.60
CA GLU B 506 -23.95 3.74 25.27
C GLU B 506 -22.56 3.18 24.99
N ASN B 507 -22.09 3.31 23.75
CA ASN B 507 -20.77 2.79 23.41
C ASN B 507 -19.61 3.45 24.16
N VAL B 508 -19.66 4.76 24.37
CA VAL B 508 -18.58 5.41 25.07
C VAL B 508 -18.67 4.98 26.53
N ARG B 509 -19.89 4.73 26.98
CA ARG B 509 -20.13 4.31 28.35
C ARG B 509 -19.44 2.97 28.58
N ARG B 510 -19.68 2.02 27.68
CA ARG B 510 -19.07 0.69 27.78
C ARG B 510 -17.56 0.79 27.68
N TYR B 511 -17.06 1.70 26.85
CA TYR B 511 -15.63 1.88 26.73
C TYR B 511 -15.07 2.20 28.11
N ILE B 512 -15.59 3.26 28.71
CA ILE B 512 -15.13 3.66 30.04
C ILE B 512 -14.97 2.43 30.92
N LEU B 513 -16.05 1.68 31.13
CA LEU B 513 -15.98 0.49 31.97
C LEU B 513 -14.91 -0.49 31.51
N TRP B 514 -15.06 -1.00 30.29
CA TRP B 514 -14.10 -1.94 29.73
C TRP B 514 -12.67 -1.51 30.03
N LYS B 515 -12.46 -0.21 30.06
CA LYS B 515 -11.14 0.38 30.32
C LYS B 515 -10.85 0.63 31.80
N LYS B 516 -11.78 0.25 32.66
CA LYS B 516 -11.62 0.44 34.10
C LYS B 516 -11.69 1.93 34.43
N GLY B 517 -12.46 2.66 33.64
CA GLY B 517 -12.60 4.09 33.87
C GLY B 517 -13.56 4.31 35.01
N LYS B 518 -13.79 5.56 35.37
CA LYS B 518 -14.70 5.87 36.47
C LYS B 518 -15.37 7.21 36.29
N ILE B 519 -16.69 7.23 36.47
CA ILE B 519 -17.46 8.47 36.36
C ILE B 519 -17.77 8.93 37.78
N ASP B 520 -17.53 10.20 38.08
CA ASP B 520 -17.79 10.74 39.40
C ASP B 520 -18.53 12.07 39.29
N VAL B 521 -19.85 12.00 39.31
CA VAL B 521 -20.67 13.20 39.21
C VAL B 521 -21.71 13.25 40.31
N ARG B 522 -21.30 13.78 41.46
CA ARG B 522 -22.18 13.91 42.62
C ARG B 522 -22.06 15.30 43.21
N GLY B 523 -22.92 15.60 44.19
CA GLY B 523 -22.88 16.90 44.82
C GLY B 523 -24.20 17.62 44.89
N PRO B 524 -24.39 18.49 45.90
CA PRO B 524 -25.61 19.27 46.12
C PRO B 524 -25.77 20.36 45.07
N LEU B 525 -26.63 20.12 44.09
CA LEU B 525 -26.87 21.08 43.02
C LEU B 525 -28.00 22.01 43.44
N PHE B 526 -29.00 21.42 44.12
CA PHE B 526 -30.17 22.14 44.62
C PHE B 526 -30.42 23.51 44.01
N VAL B 527 -31.46 23.60 43.19
CA VAL B 527 -31.85 24.84 42.54
C VAL B 527 -33.08 24.61 41.67
N THR B 528 -34.24 25.02 42.19
CA THR B 528 -35.49 24.85 41.46
C THR B 528 -35.73 26.04 40.56
N VAL B 529 -36.54 25.83 39.52
CA VAL B 529 -36.85 26.90 38.58
C VAL B 529 -38.35 26.96 38.30
N LYS B 530 -39.06 27.73 39.12
CA LYS B 530 -40.50 27.90 38.97
C LYS B 530 -40.79 28.78 37.76
N ALA B 531 -41.65 28.30 36.87
CA ALA B 531 -42.01 29.05 35.67
C ALA B 531 -43.47 29.47 35.70
N GLU B 532 -43.75 30.63 35.13
CA GLU B 532 -45.12 31.16 35.07
C GLU B 532 -45.51 31.45 33.63
N ILE B 533 -45.67 30.40 32.84
CA ILE B 533 -46.05 30.56 31.45
C ILE B 533 -47.56 30.75 31.30
N GLU B 534 -47.97 32.00 31.12
CA GLU B 534 -49.37 32.31 30.97
C GLU B 534 -49.86 31.93 29.58
N MET C 1 38.42 19.53 -13.04
CA MET C 1 39.51 19.45 -12.02
C MET C 1 39.46 20.64 -11.06
N LYS C 2 39.97 20.44 -9.85
CA LYS C 2 39.99 21.48 -8.83
C LYS C 2 40.85 22.66 -9.25
N PHE C 3 40.24 23.83 -9.38
CA PHE C 3 41.00 25.01 -9.78
C PHE C 3 41.40 25.89 -8.58
N ASP C 4 41.98 27.05 -8.86
CA ASP C 4 42.40 27.96 -7.81
C ASP C 4 41.55 29.23 -7.81
N PRO C 5 40.75 29.44 -6.75
CA PRO C 5 39.90 30.62 -6.64
C PRO C 5 40.63 31.90 -7.02
N GLN C 6 41.69 32.21 -6.29
CA GLN C 6 42.48 33.40 -6.54
C GLN C 6 42.92 33.49 -7.99
N LYS C 7 43.76 32.54 -8.42
CA LYS C 7 44.24 32.53 -9.79
C LYS C 7 43.17 33.01 -10.77
N TYR C 8 42.04 32.30 -10.80
CA TYR C 8 40.93 32.66 -11.68
C TYR C 8 40.31 33.98 -11.25
N ARG C 9 40.34 34.23 -9.95
CA ARG C 9 39.78 35.45 -9.40
C ARG C 9 40.49 36.64 -10.03
N GLU C 10 41.81 36.67 -9.88
CA GLU C 10 42.62 37.75 -10.44
C GLU C 10 42.60 37.73 -11.97
N LEU C 11 42.79 36.53 -12.54
CA LEU C 11 42.79 36.34 -13.97
C LEU C 11 41.60 37.04 -14.65
N ALA C 12 40.51 37.20 -13.90
CA ALA C 12 39.31 37.82 -14.42
C ALA C 12 39.37 39.34 -14.38
N GLU C 13 40.31 39.87 -13.59
CA GLU C 13 40.46 41.32 -13.47
C GLU C 13 41.00 41.94 -14.76
N LYS C 14 41.92 41.25 -15.41
CA LYS C 14 42.48 41.74 -16.66
C LYS C 14 41.38 41.68 -17.72
N ASP C 15 41.53 40.78 -18.69
CA ASP C 15 40.50 40.64 -19.73
C ASP C 15 39.60 39.51 -19.25
N PHE C 16 38.37 39.86 -18.93
CA PHE C 16 37.42 38.88 -18.42
C PHE C 16 37.19 37.70 -19.36
N GLU C 17 36.60 37.94 -20.52
CA GLU C 17 36.30 36.87 -21.45
C GLU C 17 37.49 35.99 -21.83
N ALA C 18 38.70 36.50 -21.70
CA ALA C 18 39.89 35.71 -22.03
C ALA C 18 40.09 34.71 -20.90
N ALA C 19 39.63 35.10 -19.72
CA ALA C 19 39.72 34.28 -18.52
C ALA C 19 38.50 33.37 -18.47
N TRP C 20 37.38 33.89 -18.97
CA TRP C 20 36.13 33.12 -19.03
C TRP C 20 36.39 31.89 -19.88
N LYS C 21 36.86 32.11 -21.11
CA LYS C 21 37.15 31.01 -22.01
C LYS C 21 38.24 30.16 -21.39
N ALA C 22 38.96 30.73 -20.43
CA ALA C 22 40.03 30.00 -19.78
C ALA C 22 39.38 28.91 -18.93
N GLY C 23 38.13 29.17 -18.55
CA GLY C 23 37.38 28.23 -17.74
C GLY C 23 37.25 26.83 -18.32
N LYS C 24 37.05 26.75 -19.64
CA LYS C 24 36.90 25.46 -20.30
C LYS C 24 37.98 24.46 -19.88
N GLU C 25 39.03 24.96 -19.25
CA GLU C 25 40.14 24.12 -18.82
C GLU C 25 39.80 23.18 -17.66
N ILE C 26 38.81 23.54 -16.85
CA ILE C 26 38.42 22.72 -15.72
C ILE C 26 37.57 21.52 -16.13
N LEU C 27 36.91 21.62 -17.28
CA LEU C 27 36.06 20.54 -17.78
C LEU C 27 36.88 19.28 -18.04
N ALA C 28 36.39 18.14 -17.56
CA ALA C 28 37.09 16.87 -17.75
C ALA C 28 37.03 16.41 -19.19
N GLU C 29 38.08 15.76 -19.66
CA GLU C 29 38.10 15.24 -21.03
C GLU C 29 37.53 13.83 -20.93
N ARG C 30 36.55 13.50 -21.77
CA ARG C 30 35.94 12.18 -21.68
C ARG C 30 36.33 11.17 -22.75
N SER C 31 36.54 9.93 -22.32
CA SER C 31 36.88 8.83 -23.21
C SER C 31 35.59 8.41 -23.92
N PRO C 32 35.67 7.47 -24.85
CA PRO C 32 34.47 7.03 -25.56
C PRO C 32 33.38 6.37 -24.68
N ASN C 33 33.78 5.51 -23.75
CA ASN C 33 32.78 4.87 -22.89
C ASN C 33 32.47 5.65 -21.63
N GLU C 34 32.83 6.93 -21.61
CA GLU C 34 32.59 7.77 -20.44
C GLU C 34 31.59 8.88 -20.69
N LEU C 35 31.21 9.07 -21.94
CA LEU C 35 30.23 10.11 -22.24
C LEU C 35 28.84 9.58 -22.55
N TYR C 36 27.86 10.47 -22.45
CA TYR C 36 26.46 10.14 -22.70
C TYR C 36 26.32 9.64 -24.13
N PRO C 37 25.49 8.62 -24.34
CA PRO C 37 24.71 7.95 -23.29
C PRO C 37 25.28 6.61 -22.86
N ARG C 38 26.61 6.49 -22.80
CA ARG C 38 27.21 5.23 -22.38
C ARG C 38 27.40 5.27 -20.86
N VAL C 39 26.93 6.35 -20.26
CA VAL C 39 26.99 6.56 -18.82
C VAL C 39 25.69 7.25 -18.41
N GLY C 40 25.05 6.72 -17.37
CA GLY C 40 23.81 7.31 -16.90
C GLY C 40 23.37 6.75 -15.56
N PHE C 41 22.58 7.54 -14.84
CA PHE C 41 22.09 7.13 -13.53
C PHE C 41 20.92 6.17 -13.73
N SER C 42 20.52 5.50 -12.64
CA SER C 42 19.42 4.56 -12.67
C SER C 42 18.51 4.86 -11.48
N PHE C 43 17.46 4.05 -11.30
CA PHE C 43 16.54 4.28 -10.19
C PHE C 43 15.45 3.22 -10.10
N GLY C 44 15.03 2.92 -8.88
CA GLY C 44 13.98 1.93 -8.69
C GLY C 44 12.70 2.31 -9.41
N LYS C 45 11.84 1.31 -9.61
CA LYS C 45 10.55 1.49 -10.27
C LYS C 45 9.53 0.59 -9.60
N GLU C 46 8.48 1.17 -9.05
CA GLU C 46 7.46 0.37 -8.35
C GLU C 46 6.56 -0.44 -9.26
N HIS C 47 5.98 -1.50 -8.69
CA HIS C 47 5.07 -2.41 -9.41
C HIS C 47 3.65 -1.85 -9.38
N PRO C 48 2.95 -1.85 -10.53
CA PRO C 48 1.58 -1.35 -10.62
C PRO C 48 0.59 -1.90 -9.61
N LEU C 49 0.81 -3.11 -9.14
CA LEU C 49 -0.11 -3.70 -8.18
C LEU C 49 0.02 -2.88 -6.92
N PHE C 50 1.21 -2.92 -6.34
CA PHE C 50 1.51 -2.20 -5.12
C PHE C 50 1.17 -0.73 -5.19
N ALA C 51 1.64 -0.05 -6.23
CA ALA C 51 1.35 1.37 -6.41
C ALA C 51 -0.14 1.56 -6.15
N THR C 52 -0.96 0.91 -6.97
CA THR C 52 -2.40 1.00 -6.83
C THR C 52 -2.83 0.73 -5.40
N ILE C 53 -2.18 -0.21 -4.73
CA ILE C 53 -2.56 -0.52 -3.35
C ILE C 53 -2.36 0.71 -2.49
N GLN C 54 -1.15 1.27 -2.50
CA GLN C 54 -0.90 2.47 -1.72
C GLN C 54 -1.88 3.55 -2.12
N ARG C 55 -2.03 3.73 -3.43
CA ARG C 55 -2.94 4.73 -3.97
C ARG C 55 -4.36 4.49 -3.46
N LEU C 56 -4.63 3.26 -3.04
CA LEU C 56 -5.94 2.91 -2.53
C LEU C 56 -6.02 3.22 -1.04
N ARG C 57 -4.92 3.02 -0.32
CA ARG C 57 -4.86 3.29 1.12
C ARG C 57 -5.21 4.75 1.36
N GLU C 58 -4.51 5.61 0.65
CA GLU C 58 -4.72 7.03 0.77
C GLU C 58 -6.18 7.32 0.45
N ALA C 59 -6.64 6.84 -0.69
CA ALA C 59 -8.02 7.05 -1.10
C ALA C 59 -8.95 6.78 0.07
N TYR C 60 -8.79 5.63 0.71
CA TYR C 60 -9.64 5.26 1.85
C TYR C 60 -9.48 6.19 3.02
N LEU C 61 -8.23 6.47 3.38
CA LEU C 61 -7.92 7.37 4.47
C LEU C 61 -8.55 8.75 4.21
N SER C 62 -8.47 9.20 2.95
CA SER C 62 -9.00 10.49 2.54
C SER C 62 -10.51 10.64 2.72
N ILE C 63 -11.23 9.54 2.87
CA ILE C 63 -12.67 9.63 3.09
C ILE C 63 -13.00 9.26 4.52
N GLY C 64 -11.97 9.29 5.38
CA GLY C 64 -12.18 9.05 6.80
C GLY C 64 -11.87 7.71 7.44
N PHE C 65 -11.73 6.68 6.64
CA PHE C 65 -11.48 5.36 7.20
C PHE C 65 -10.08 5.09 7.73
N SER C 66 -10.02 4.66 9.00
CA SER C 66 -8.75 4.33 9.66
C SER C 66 -8.34 2.89 9.30
N GLU C 67 -7.04 2.65 9.24
CA GLU C 67 -6.52 1.34 8.85
C GLU C 67 -6.45 0.32 9.95
N VAL C 68 -6.59 -0.94 9.54
CA VAL C 68 -6.54 -2.05 10.49
C VAL C 68 -6.12 -3.31 9.75
N VAL C 69 -5.50 -4.25 10.46
CA VAL C 69 -5.07 -5.51 9.87
C VAL C 69 -5.97 -6.61 10.43
N ASN C 70 -6.57 -7.38 9.53
CA ASN C 70 -7.48 -8.44 9.94
C ASN C 70 -6.84 -9.82 9.95
N PRO C 71 -7.48 -10.77 10.64
CA PRO C 71 -6.94 -12.12 10.70
C PRO C 71 -6.90 -12.70 9.31
N LEU C 72 -5.84 -13.44 9.00
CA LEU C 72 -5.71 -14.06 7.68
C LEU C 72 -5.96 -15.57 7.74
N ILE C 73 -5.32 -16.24 8.72
CA ILE C 73 -5.50 -17.69 8.93
C ILE C 73 -6.70 -17.85 9.86
N VAL C 74 -7.67 -18.69 9.52
CA VAL C 74 -8.83 -18.84 10.40
C VAL C 74 -9.47 -20.22 10.41
N GLU C 75 -10.17 -20.53 11.51
CA GLU C 75 -10.87 -21.80 11.66
C GLU C 75 -12.16 -21.66 10.87
N ASP C 76 -12.38 -22.57 9.93
CA ASP C 76 -13.57 -22.53 9.09
C ASP C 76 -14.86 -22.30 9.88
N VAL C 77 -14.81 -22.55 11.19
CA VAL C 77 -15.98 -22.36 12.04
C VAL C 77 -16.55 -20.95 11.88
N HIS C 78 -15.72 -20.04 11.39
CA HIS C 78 -16.10 -18.65 11.18
C HIS C 78 -16.93 -18.53 9.92
N VAL C 79 -16.42 -19.08 8.81
CA VAL C 79 -17.16 -19.05 7.55
C VAL C 79 -18.54 -19.60 7.84
N LYS C 80 -18.57 -20.63 8.68
CA LYS C 80 -19.80 -21.28 9.09
C LYS C 80 -20.65 -20.33 9.92
N LYS C 81 -20.05 -19.69 10.91
CA LYS C 81 -20.79 -18.76 11.76
C LYS C 81 -21.48 -17.66 10.95
N GLN C 82 -20.85 -17.26 9.86
CA GLN C 82 -21.36 -16.20 9.01
C GLN C 82 -22.40 -16.60 7.96
N PHE C 83 -22.03 -17.51 7.07
CA PHE C 83 -22.93 -17.94 6.01
C PHE C 83 -24.13 -18.75 6.46
N GLY C 84 -24.23 -19.03 7.75
CA GLY C 84 -25.35 -19.82 8.23
C GLY C 84 -25.39 -21.19 7.59
N ARG C 85 -26.47 -21.50 6.89
CA ARG C 85 -26.63 -22.80 6.24
C ARG C 85 -26.01 -22.90 4.86
N GLU C 86 -25.50 -21.78 4.34
CA GLU C 86 -24.87 -21.77 3.02
C GLU C 86 -23.37 -21.97 3.19
N ALA C 87 -22.94 -21.93 4.46
CA ALA C 87 -21.54 -22.07 4.86
C ALA C 87 -20.70 -23.12 4.13
N LEU C 88 -21.28 -24.28 3.86
CA LEU C 88 -20.55 -25.35 3.20
C LEU C 88 -20.29 -25.02 1.73
N ALA C 89 -21.31 -24.51 1.05
CA ALA C 89 -21.17 -24.14 -0.34
C ALA C 89 -19.91 -23.32 -0.51
N VAL C 90 -19.68 -22.43 0.45
CA VAL C 90 -18.51 -21.56 0.44
C VAL C 90 -17.22 -22.32 0.75
N LEU C 91 -17.22 -23.03 1.87
CA LEU C 91 -16.03 -23.79 2.27
C LEU C 91 -15.36 -24.56 1.13
N ASP C 92 -16.08 -24.72 0.03
CA ASP C 92 -15.55 -25.41 -1.13
C ASP C 92 -14.46 -24.57 -1.78
N ARG C 93 -14.82 -23.33 -2.13
CA ARG C 93 -13.92 -22.39 -2.79
C ARG C 93 -12.73 -21.96 -1.93
N CYS C 94 -12.78 -22.27 -0.63
CA CYS C 94 -11.71 -21.88 0.28
C CYS C 94 -10.61 -22.92 0.38
N PHE C 95 -9.43 -22.49 0.82
CA PHE C 95 -8.32 -23.40 1.01
C PHE C 95 -8.31 -23.83 2.48
N TYR C 96 -7.55 -24.87 2.77
CA TYR C 96 -7.39 -25.36 4.13
C TYR C 96 -5.91 -25.51 4.39
N LEU C 97 -5.52 -25.37 5.64
CA LEU C 97 -4.11 -25.47 5.97
C LEU C 97 -3.77 -26.88 6.43
N ALA C 98 -2.74 -27.47 5.82
CA ALA C 98 -2.30 -28.80 6.17
C ALA C 98 -0.82 -28.76 6.52
N THR C 99 -0.41 -29.57 7.50
CA THR C 99 0.98 -29.59 7.93
C THR C 99 1.54 -31.00 7.90
N LEU C 100 2.86 -31.11 8.03
CA LEU C 100 3.51 -32.40 8.04
C LEU C 100 3.58 -32.95 9.46
N PRO C 101 3.24 -34.23 9.64
CA PRO C 101 3.29 -34.81 10.98
C PRO C 101 4.73 -35.18 11.35
N LYS C 102 5.21 -34.65 12.48
CA LYS C 102 6.56 -34.91 12.94
C LYS C 102 6.83 -36.40 13.10
N PRO C 103 7.76 -36.95 12.29
CA PRO C 103 8.12 -38.36 12.33
C PRO C 103 8.86 -38.76 13.62
N ASN C 104 8.33 -38.32 14.76
CA ASN C 104 8.94 -38.63 16.06
C ASN C 104 10.42 -38.23 16.11
N LEU C 174 6.40 -36.33 3.99
CA LEU C 174 5.62 -37.60 3.96
C LEU C 174 4.22 -37.35 3.41
N LYS C 175 3.25 -37.20 4.31
CA LYS C 175 1.87 -36.97 3.91
C LYS C 175 1.24 -35.88 4.80
N PRO C 176 1.08 -34.66 4.25
CA PRO C 176 0.49 -33.53 4.99
C PRO C 176 -0.85 -33.88 5.60
N ILE C 177 -1.09 -33.39 6.82
CA ILE C 177 -2.34 -33.65 7.53
C ILE C 177 -3.19 -32.39 7.55
N SER C 178 -4.22 -32.36 6.72
CA SER C 178 -5.08 -31.19 6.69
C SER C 178 -5.58 -30.86 8.09
N SER C 179 -5.96 -29.61 8.29
CA SER C 179 -6.46 -29.16 9.59
C SER C 179 -7.74 -28.36 9.44
N THR C 180 -8.19 -27.77 10.54
CA THR C 180 -9.42 -26.98 10.54
C THR C 180 -9.20 -25.53 10.08
N LEU C 181 -7.94 -25.13 9.94
CA LEU C 181 -7.59 -23.77 9.51
C LEU C 181 -7.80 -23.54 8.02
N THR C 182 -8.15 -22.31 7.68
CA THR C 182 -8.38 -21.94 6.28
C THR C 182 -7.89 -20.52 6.01
N LEU C 183 -7.36 -20.29 4.81
CA LEU C 183 -6.89 -18.97 4.40
C LEU C 183 -8.17 -18.25 3.96
N ARG C 184 -8.44 -17.07 4.52
CA ARG C 184 -9.66 -16.32 4.18
C ARG C 184 -9.94 -16.14 2.68
N SER C 185 -11.16 -16.47 2.27
CA SER C 185 -11.57 -16.36 0.87
C SER C 185 -11.86 -14.91 0.49
N HIS C 186 -12.04 -14.08 1.50
CA HIS C 186 -12.31 -12.66 1.32
C HIS C 186 -12.19 -11.96 2.66
N MET C 187 -11.98 -10.64 2.65
CA MET C 187 -11.83 -9.91 3.89
C MET C 187 -12.95 -10.15 4.90
N THR C 188 -14.19 -10.12 4.43
CA THR C 188 -15.34 -10.30 5.32
C THR C 188 -15.18 -11.37 6.40
N THR C 189 -14.45 -12.44 6.10
CA THR C 189 -14.26 -13.51 7.09
C THR C 189 -13.61 -12.94 8.35
N GLY C 190 -12.58 -12.10 8.15
CA GLY C 190 -11.88 -11.51 9.27
C GLY C 190 -12.60 -10.30 9.82
N TRP C 191 -13.42 -9.66 9.01
CA TRP C 191 -14.10 -8.48 9.52
C TRP C 191 -14.89 -8.78 10.76
N PHE C 192 -15.84 -9.70 10.68
CA PHE C 192 -16.64 -10.00 11.87
C PHE C 192 -15.77 -10.23 13.09
N ILE C 193 -14.62 -10.89 12.91
CA ILE C 193 -13.72 -11.17 14.01
C ILE C 193 -13.16 -9.87 14.60
N THR C 194 -12.72 -8.96 13.74
CA THR C 194 -12.15 -7.72 14.22
C THR C 194 -13.19 -6.79 14.81
N LEU C 195 -14.34 -6.71 14.17
CA LEU C 195 -15.40 -5.85 14.67
C LEU C 195 -15.96 -6.36 15.98
N SER C 196 -15.77 -7.66 16.23
CA SER C 196 -16.30 -8.25 17.45
C SER C 196 -15.82 -7.58 18.72
N HIS C 197 -14.58 -7.11 18.72
CA HIS C 197 -14.00 -6.47 19.90
C HIS C 197 -14.25 -4.97 20.10
N ILE C 198 -14.72 -4.29 19.08
CA ILE C 198 -14.89 -2.84 19.19
C ILE C 198 -16.28 -2.31 18.89
N ALA C 199 -17.06 -3.08 18.14
CA ALA C 199 -18.40 -2.68 17.74
C ALA C 199 -19.27 -2.01 18.79
N ASP C 200 -19.05 -2.32 20.06
CA ASP C 200 -19.86 -1.74 21.12
C ASP C 200 -19.05 -1.01 22.20
N LYS C 201 -17.78 -0.74 21.94
CA LYS C 201 -16.93 -0.06 22.91
C LYS C 201 -16.48 1.31 22.41
N LEU C 202 -16.29 1.43 21.10
CA LEU C 202 -15.87 2.69 20.50
C LEU C 202 -17.08 3.49 20.07
N PRO C 203 -16.92 4.81 19.96
CA PRO C 203 -18.03 5.69 19.56
C PRO C 203 -18.34 5.51 18.08
N LEU C 204 -19.62 5.55 17.73
CA LEU C 204 -20.03 5.39 16.35
C LEU C 204 -20.07 6.74 15.65
N PRO C 205 -19.88 6.75 14.33
CA PRO C 205 -19.64 5.61 13.44
C PRO C 205 -18.20 5.09 13.43
N ILE C 206 -18.06 3.79 13.18
CA ILE C 206 -16.77 3.15 13.10
C ILE C 206 -16.49 3.04 11.60
N LYS C 207 -15.33 3.49 11.17
CA LYS C 207 -14.98 3.39 9.76
C LYS C 207 -13.61 2.76 9.64
N LEU C 208 -13.59 1.48 9.31
CA LEU C 208 -12.34 0.78 9.18
C LEU C 208 -12.16 0.27 7.76
N PHE C 209 -10.91 0.08 7.37
CA PHE C 209 -10.59 -0.40 6.03
C PHE C 209 -9.28 -1.15 6.11
N SER C 210 -9.03 -1.98 5.12
CA SER C 210 -7.79 -2.74 5.06
C SER C 210 -7.63 -3.33 3.68
N ILE C 211 -6.44 -3.15 3.13
CA ILE C 211 -6.12 -3.66 1.82
C ILE C 211 -5.06 -4.72 2.02
N ASP C 212 -5.48 -5.97 1.99
CA ASP C 212 -4.60 -7.10 2.21
C ASP C 212 -4.87 -8.24 1.22
N ARG C 213 -4.13 -9.33 1.41
CA ARG C 213 -4.22 -10.53 0.57
C ARG C 213 -5.33 -11.51 0.96
N CYS C 214 -5.86 -12.20 -0.04
CA CYS C 214 -6.89 -13.18 0.17
C CYS C 214 -6.62 -14.41 -0.67
N PHE C 215 -7.32 -15.50 -0.39
CA PHE C 215 -7.13 -16.74 -1.13
C PHE C 215 -8.44 -17.38 -1.52
N ARG C 216 -8.65 -17.49 -2.82
CA ARG C 216 -9.85 -18.11 -3.36
C ARG C 216 -9.39 -19.32 -4.17
N ARG C 217 -10.32 -20.23 -4.44
CA ARG C 217 -10.00 -21.44 -5.19
C ARG C 217 -10.83 -21.50 -6.46
N GLU C 218 -11.60 -20.45 -6.69
CA GLU C 218 -12.47 -20.38 -7.87
C GLU C 218 -11.94 -21.14 -9.07
N GLN C 219 -12.39 -22.37 -9.21
CA GLN C 219 -11.99 -23.25 -10.30
C GLN C 219 -10.50 -23.60 -10.27
N GLY C 220 -9.78 -22.96 -9.35
CA GLY C 220 -8.35 -23.21 -9.23
C GLY C 220 -7.65 -22.96 -10.54
N GLU C 221 -8.06 -21.89 -11.22
CA GLU C 221 -7.50 -21.52 -12.52
C GLU C 221 -6.27 -20.61 -12.42
N ASP C 222 -5.70 -20.31 -13.59
CA ASP C 222 -4.54 -19.45 -13.70
C ASP C 222 -4.86 -18.36 -14.72
N ALA C 223 -5.38 -18.79 -15.87
CA ALA C 223 -5.75 -17.88 -16.95
C ALA C 223 -6.72 -16.80 -16.48
N THR C 224 -7.99 -17.19 -16.33
CA THR C 224 -9.02 -16.25 -15.89
C THR C 224 -8.65 -15.51 -14.59
N ARG C 225 -8.48 -16.26 -13.51
CA ARG C 225 -8.13 -15.67 -12.22
C ARG C 225 -6.95 -16.38 -11.56
N LEU C 226 -6.57 -15.89 -10.39
CA LEU C 226 -5.44 -16.48 -9.66
C LEU C 226 -5.81 -16.94 -8.25
N TYR C 227 -4.86 -17.60 -7.59
CA TYR C 227 -5.06 -18.12 -6.26
C TYR C 227 -5.09 -17.07 -5.17
N THR C 228 -4.40 -15.95 -5.38
CA THR C 228 -4.37 -14.88 -4.39
C THR C 228 -4.61 -13.53 -5.03
N TYR C 229 -5.50 -12.76 -4.45
CA TYR C 229 -5.81 -11.43 -4.95
C TYR C 229 -5.74 -10.44 -3.81
N PHE C 230 -6.00 -9.17 -4.11
CA PHE C 230 -5.97 -8.16 -3.09
C PHE C 230 -7.30 -7.49 -2.93
N SER C 231 -7.87 -7.61 -1.74
CA SER C 231 -9.15 -6.99 -1.45
C SER C 231 -8.91 -5.60 -0.84
N ALA C 232 -9.68 -4.62 -1.29
CA ALA C 232 -9.57 -3.27 -0.75
C ALA C 232 -10.83 -3.04 0.04
N SER C 233 -10.94 -3.75 1.16
CA SER C 233 -12.12 -3.72 2.01
C SER C 233 -12.24 -2.57 3.00
N CYS C 234 -13.46 -2.35 3.47
CA CYS C 234 -13.76 -1.32 4.46
C CYS C 234 -15.12 -1.66 5.07
N VAL C 235 -15.35 -1.21 6.29
CA VAL C 235 -16.62 -1.47 6.97
C VAL C 235 -17.07 -0.22 7.70
N LEU C 236 -18.39 -0.02 7.73
CA LEU C 236 -18.98 1.15 8.38
C LEU C 236 -19.97 0.69 9.44
N VAL C 237 -19.69 1.02 10.71
CA VAL C 237 -20.53 0.61 11.82
C VAL C 237 -21.29 1.75 12.47
N ASP C 238 -22.59 1.83 12.22
CA ASP C 238 -23.42 2.89 12.79
C ASP C 238 -24.74 2.31 13.28
N GLU C 239 -25.55 3.13 13.94
CA GLU C 239 -26.84 2.66 14.46
C GLU C 239 -27.85 2.50 13.34
N GLU C 240 -27.79 3.39 12.35
CA GLU C 240 -28.68 3.30 11.21
C GLU C 240 -27.84 3.32 9.93
N LEU C 241 -28.08 2.36 9.04
CA LEU C 241 -27.34 2.30 7.77
C LEU C 241 -28.24 1.87 6.63
N SER C 242 -28.15 2.60 5.53
CA SER C 242 -28.96 2.29 4.35
C SER C 242 -28.03 1.55 3.43
N VAL C 243 -28.49 1.33 2.20
CA VAL C 243 -27.66 0.67 1.22
C VAL C 243 -26.92 1.87 0.67
N ASP C 244 -27.48 3.04 0.94
CA ASP C 244 -26.94 4.32 0.46
C ASP C 244 -25.54 4.61 0.96
N ASP C 245 -25.29 4.39 2.24
CA ASP C 245 -23.96 4.61 2.78
C ASP C 245 -22.99 3.81 1.93
N GLY C 246 -23.42 2.62 1.53
CA GLY C 246 -22.59 1.78 0.70
C GLY C 246 -22.41 2.38 -0.67
N LYS C 247 -23.39 3.17 -1.11
CA LYS C 247 -23.32 3.81 -2.41
C LYS C 247 -22.37 5.00 -2.35
N ALA C 248 -22.52 5.83 -1.32
CA ALA C 248 -21.67 7.00 -1.13
C ALA C 248 -20.21 6.59 -1.06
N VAL C 249 -19.89 5.68 -0.15
CA VAL C 249 -18.53 5.21 0.03
C VAL C 249 -17.89 4.70 -1.27
N ALA C 250 -18.70 4.15 -2.17
CA ALA C 250 -18.14 3.65 -3.41
C ALA C 250 -17.74 4.79 -4.30
N GLU C 251 -18.61 5.79 -4.43
CA GLU C 251 -18.29 6.93 -5.26
C GLU C 251 -17.12 7.73 -4.70
N ALA C 252 -17.15 8.05 -3.41
CA ALA C 252 -16.06 8.82 -2.81
C ALA C 252 -14.74 8.12 -3.05
N LEU C 253 -14.73 6.82 -2.82
CA LEU C 253 -13.53 6.03 -2.99
C LEU C 253 -13.16 5.90 -4.46
N LEU C 254 -14.12 5.46 -5.26
CA LEU C 254 -13.89 5.26 -6.67
C LEU C 254 -13.60 6.52 -7.49
N ARG C 255 -14.14 7.66 -7.06
CA ARG C 255 -13.92 8.91 -7.80
C ARG C 255 -12.48 9.39 -7.79
N GLN C 256 -11.78 9.17 -6.68
CA GLN C 256 -10.39 9.57 -6.56
C GLN C 256 -9.47 8.85 -7.55
N PHE C 257 -10.04 8.18 -8.54
CA PHE C 257 -9.24 7.45 -9.52
C PHE C 257 -9.62 7.79 -10.96
N GLY C 258 -10.63 8.63 -11.13
CA GLY C 258 -11.03 9.00 -12.46
C GLY C 258 -12.47 8.68 -12.78
N PHE C 259 -13.01 7.67 -12.10
CA PHE C 259 -14.39 7.26 -12.32
C PHE C 259 -15.29 8.47 -12.16
N GLU C 260 -16.11 8.71 -13.17
CA GLU C 260 -17.00 9.86 -13.18
C GLU C 260 -18.47 9.53 -12.92
N ASN C 261 -19.03 8.54 -13.62
CA ASN C 261 -20.42 8.19 -13.39
C ASN C 261 -20.56 6.80 -12.77
N PHE C 262 -21.55 6.67 -11.87
CA PHE C 262 -21.76 5.41 -11.17
C PHE C 262 -23.15 4.82 -11.34
N ARG C 263 -23.20 3.50 -11.41
CA ARG C 263 -24.46 2.77 -11.54
C ARG C 263 -24.41 1.53 -10.66
N PHE C 264 -25.44 1.34 -9.85
CA PHE C 264 -25.51 0.19 -8.97
C PHE C 264 -26.65 -0.73 -9.35
N ARG C 265 -26.40 -2.04 -9.27
CA ARG C 265 -27.42 -3.04 -9.57
C ARG C 265 -27.39 -4.09 -8.47
N LYS C 266 -28.57 -4.50 -8.00
CA LYS C 266 -28.66 -5.51 -6.95
C LYS C 266 -28.03 -6.81 -7.45
N ASP C 267 -27.32 -7.48 -6.56
CA ASP C 267 -26.64 -8.71 -6.89
C ASP C 267 -27.56 -9.90 -6.71
N GLU C 268 -27.56 -10.81 -7.68
CA GLU C 268 -28.40 -12.01 -7.63
C GLU C 268 -27.87 -13.03 -6.62
N LYS C 269 -26.55 -13.19 -6.58
CA LYS C 269 -25.91 -14.14 -5.67
C LYS C 269 -26.56 -14.11 -4.29
N ARG C 270 -27.02 -12.93 -3.89
CA ARG C 270 -27.67 -12.73 -2.59
C ARG C 270 -26.98 -13.43 -1.43
N SER C 271 -25.64 -13.45 -1.42
CA SER C 271 -24.90 -14.09 -0.34
C SER C 271 -25.67 -13.96 0.98
N LYS C 272 -25.74 -15.05 1.72
CA LYS C 272 -26.48 -15.09 2.98
C LYS C 272 -25.98 -14.26 4.14
N TYR C 273 -24.74 -13.77 4.05
CA TYR C 273 -24.18 -12.95 5.14
C TYR C 273 -24.53 -11.48 4.96
N TYR C 274 -25.21 -11.18 3.86
CA TYR C 274 -25.62 -9.81 3.59
C TYR C 274 -27.13 -9.77 3.72
N ILE C 275 -27.62 -8.84 4.52
CA ILE C 275 -29.06 -8.68 4.70
C ILE C 275 -29.70 -8.86 3.33
N PRO C 276 -30.73 -9.69 3.24
CA PRO C 276 -31.40 -9.93 1.96
C PRO C 276 -31.81 -8.67 1.21
N ASP C 277 -31.27 -8.54 0.00
CA ASP C 277 -31.55 -7.43 -0.89
C ASP C 277 -30.85 -6.11 -0.55
N THR C 278 -29.58 -6.20 -0.16
CA THR C 278 -28.77 -5.02 0.16
C THR C 278 -27.52 -5.19 -0.70
N GLN C 279 -27.09 -6.44 -0.85
CA GLN C 279 -25.92 -6.76 -1.65
C GLN C 279 -26.07 -6.14 -3.04
N THR C 280 -25.17 -5.22 -3.36
CA THR C 280 -25.18 -4.52 -4.65
C THR C 280 -23.88 -4.70 -5.43
N GLU C 281 -23.86 -4.22 -6.67
CA GLU C 281 -22.66 -4.30 -7.52
C GLU C 281 -22.43 -2.94 -8.15
N VAL C 282 -21.32 -2.27 -7.78
CA VAL C 282 -21.05 -0.96 -8.33
C VAL C 282 -20.48 -1.02 -9.73
N PHE C 283 -21.03 -0.17 -10.59
CA PHE C 283 -20.58 -0.07 -11.98
C PHE C 283 -20.12 1.37 -12.14
N ALA C 284 -18.87 1.54 -12.49
CA ALA C 284 -18.30 2.86 -12.63
C ALA C 284 -17.83 3.16 -14.03
N PHE C 285 -17.96 4.43 -14.41
CA PHE C 285 -17.53 4.88 -15.72
C PHE C 285 -16.21 5.62 -15.65
N HIS C 286 -15.27 5.22 -16.50
CA HIS C 286 -13.97 5.86 -16.53
C HIS C 286 -13.60 6.16 -17.97
N PRO C 287 -13.51 7.45 -18.31
CA PRO C 287 -13.15 7.87 -19.68
C PRO C 287 -11.89 7.21 -20.19
N LYS C 288 -11.02 6.77 -19.29
CA LYS C 288 -9.79 6.11 -19.69
C LYS C 288 -10.11 4.79 -20.43
N LEU C 289 -11.37 4.37 -20.34
CA LEU C 289 -11.81 3.12 -20.97
C LEU C 289 -12.50 3.25 -22.32
N VAL C 290 -13.34 4.26 -22.49
CA VAL C 290 -14.05 4.43 -23.75
C VAL C 290 -13.15 4.31 -24.98
N GLY C 291 -13.36 3.24 -25.74
CA GLY C 291 -12.56 3.01 -26.93
C GLY C 291 -11.59 1.87 -26.70
N SER C 292 -11.55 1.40 -25.46
CA SER C 292 -10.67 0.29 -25.07
C SER C 292 -10.87 -0.91 -25.99
N SER C 293 -9.80 -1.67 -26.19
CA SER C 293 -9.85 -2.86 -27.02
C SER C 293 -10.45 -4.01 -26.22
N THR C 294 -11.64 -3.80 -25.68
CA THR C 294 -12.33 -4.80 -24.87
C THR C 294 -13.81 -4.45 -24.77
N LYS C 295 -14.52 -5.14 -23.87
CA LYS C 295 -15.94 -4.89 -23.66
C LYS C 295 -16.16 -3.79 -22.63
N TYR C 296 -15.07 -3.09 -22.29
CA TYR C 296 -15.12 -1.99 -21.34
C TYR C 296 -15.01 -0.70 -22.14
N SER C 297 -15.35 -0.81 -23.42
CA SER C 297 -15.30 0.31 -24.35
C SER C 297 -16.39 1.34 -24.06
N ASP C 298 -17.55 0.88 -23.61
CA ASP C 298 -18.64 1.80 -23.30
C ASP C 298 -18.20 2.69 -22.14
N GLY C 299 -17.04 2.38 -21.57
CA GLY C 299 -16.50 3.17 -20.47
C GLY C 299 -16.83 2.62 -19.10
N TRP C 300 -17.94 1.90 -18.98
CA TRP C 300 -18.34 1.34 -17.70
C TRP C 300 -17.75 -0.03 -17.46
N ILE C 301 -17.59 -0.35 -16.18
CA ILE C 301 -17.04 -1.64 -15.74
C ILE C 301 -17.52 -1.91 -14.32
N GLU C 302 -17.83 -3.17 -14.03
CA GLU C 302 -18.25 -3.51 -12.68
C GLU C 302 -16.94 -3.43 -11.96
N ILE C 303 -16.85 -2.58 -10.95
CA ILE C 303 -15.58 -2.40 -10.25
C ILE C 303 -15.56 -2.77 -8.79
N ALA C 304 -16.72 -2.93 -8.18
CA ALA C 304 -16.79 -3.29 -6.77
C ALA C 304 -18.18 -3.71 -6.30
N THR C 305 -18.23 -4.51 -5.24
CA THR C 305 -19.49 -4.96 -4.69
C THR C 305 -19.58 -4.55 -3.22
N PHE C 306 -20.79 -4.61 -2.66
CA PHE C 306 -20.97 -4.24 -1.26
C PHE C 306 -22.38 -4.59 -0.79
N GLY C 307 -22.53 -4.74 0.52
CA GLY C 307 -23.83 -5.05 1.08
C GLY C 307 -23.87 -4.69 2.55
N ILE C 308 -24.90 -5.13 3.25
CA ILE C 308 -25.01 -4.85 4.66
C ILE C 308 -25.14 -6.14 5.44
N TYR C 309 -24.13 -6.43 6.26
CA TYR C 309 -24.09 -7.63 7.06
C TYR C 309 -25.41 -8.01 7.75
N SER C 310 -25.79 -9.28 7.60
CA SER C 310 -27.01 -9.81 8.18
C SER C 310 -26.93 -9.88 9.68
N PRO C 311 -28.01 -9.51 10.39
CA PRO C 311 -28.07 -9.53 11.84
C PRO C 311 -27.80 -10.94 12.34
N THR C 312 -28.02 -11.90 11.45
CA THR C 312 -27.79 -13.31 11.74
C THR C 312 -26.31 -13.54 11.97
N ALA C 313 -25.47 -12.91 11.16
CA ALA C 313 -24.04 -13.04 11.28
C ALA C 313 -23.48 -12.17 12.40
N LEU C 314 -23.88 -10.91 12.43
CA LEU C 314 -23.40 -10.00 13.47
C LEU C 314 -23.70 -10.63 14.81
N ALA C 315 -24.93 -11.09 14.98
CA ALA C 315 -25.35 -11.71 16.22
C ALA C 315 -24.35 -12.77 16.62
N GLU C 316 -23.92 -13.57 15.65
CA GLU C 316 -22.97 -14.63 15.92
C GLU C 316 -21.70 -14.10 16.59
N TYR C 317 -21.37 -12.84 16.34
CA TYR C 317 -20.18 -12.23 16.95
C TYR C 317 -20.50 -11.14 17.96
N ASP C 318 -21.77 -10.95 18.28
CA ASP C 318 -22.21 -9.96 19.25
C ASP C 318 -22.24 -8.50 18.79
N ILE C 319 -22.19 -8.28 17.48
CA ILE C 319 -22.23 -6.92 16.95
C ILE C 319 -23.69 -6.45 16.96
N PRO C 320 -24.03 -5.50 17.84
CA PRO C 320 -25.42 -5.03 17.87
C PRO C 320 -25.86 -4.18 16.69
N TYR C 321 -25.04 -3.22 16.29
CA TYR C 321 -25.41 -2.33 15.19
C TYR C 321 -25.10 -2.92 13.82
N PRO C 322 -25.81 -2.45 12.78
CA PRO C 322 -25.57 -2.97 11.43
C PRO C 322 -24.15 -2.66 10.98
N VAL C 323 -23.84 -2.99 9.74
CA VAL C 323 -22.49 -2.78 9.23
C VAL C 323 -22.52 -2.76 7.71
N MET C 324 -21.95 -1.73 7.10
CA MET C 324 -21.90 -1.69 5.64
C MET C 324 -20.51 -2.15 5.26
N ASN C 325 -20.41 -2.95 4.21
CA ASN C 325 -19.13 -3.49 3.76
C ASN C 325 -18.97 -3.37 2.24
N LEU C 326 -17.97 -2.60 1.83
CA LEU C 326 -17.66 -2.38 0.42
C LEU C 326 -16.33 -3.09 0.13
N GLY C 327 -16.25 -3.81 -0.98
CA GLY C 327 -15.03 -4.52 -1.35
C GLY C 327 -14.53 -4.09 -2.72
N LEU C 328 -13.24 -3.84 -2.85
CA LEU C 328 -12.70 -3.38 -4.14
C LEU C 328 -11.70 -4.39 -4.69
N GLY C 329 -11.95 -4.85 -5.91
CA GLY C 329 -11.04 -5.80 -6.53
C GLY C 329 -9.81 -5.10 -7.08
N VAL C 330 -8.73 -5.09 -6.30
CA VAL C 330 -7.51 -4.41 -6.70
C VAL C 330 -6.90 -4.71 -8.07
N GLU C 331 -6.44 -5.94 -8.28
CA GLU C 331 -5.81 -6.26 -9.56
C GLU C 331 -6.55 -5.66 -10.75
N ARG C 332 -7.87 -5.57 -10.64
CA ARG C 332 -8.67 -4.98 -11.71
C ARG C 332 -8.37 -3.47 -11.82
N LEU C 333 -8.52 -2.76 -10.71
CA LEU C 333 -8.26 -1.33 -10.67
C LEU C 333 -6.84 -1.06 -11.15
N ALA C 334 -5.91 -1.86 -10.65
CA ALA C 334 -4.50 -1.71 -11.02
C ALA C 334 -4.43 -1.77 -12.52
N MET C 335 -5.15 -2.71 -13.11
CA MET C 335 -5.15 -2.86 -14.55
C MET C 335 -5.76 -1.66 -15.25
N ILE C 336 -6.94 -1.22 -14.79
CA ILE C 336 -7.58 -0.08 -15.40
C ILE C 336 -6.62 1.11 -15.42
N LEU C 337 -5.99 1.36 -14.27
CA LEU C 337 -5.07 2.46 -14.11
C LEU C 337 -3.84 2.44 -15.01
N TYR C 338 -3.06 1.38 -14.94
CA TYR C 338 -1.84 1.30 -15.74
C TYR C 338 -2.04 0.64 -17.10
N GLY C 339 -3.29 0.27 -17.38
CA GLY C 339 -3.65 -0.32 -18.66
C GLY C 339 -3.09 -1.66 -19.10
N TYR C 340 -3.14 -2.65 -18.22
CA TYR C 340 -2.66 -3.99 -18.56
C TYR C 340 -3.92 -4.76 -18.94
N ASP C 341 -3.80 -5.73 -19.86
CA ASP C 341 -4.96 -6.50 -20.26
C ASP C 341 -5.05 -7.85 -19.56
N ASP C 342 -3.91 -8.52 -19.44
CA ASP C 342 -3.83 -9.82 -18.80
C ASP C 342 -3.32 -9.65 -17.36
N VAL C 343 -4.19 -9.86 -16.38
CA VAL C 343 -3.77 -9.70 -15.00
C VAL C 343 -2.42 -10.32 -14.74
N ARG C 344 -2.25 -11.57 -15.16
CA ARG C 344 -0.98 -12.26 -14.94
C ARG C 344 0.19 -11.55 -15.61
N LYS C 345 -0.02 -11.07 -16.84
CA LYS C 345 1.05 -10.36 -17.52
C LYS C 345 1.35 -9.07 -16.77
N MET C 346 0.46 -8.68 -15.88
CA MET C 346 0.66 -7.47 -15.07
C MET C 346 1.33 -7.81 -13.76
N VAL C 347 0.56 -8.45 -12.89
CA VAL C 347 1.05 -8.86 -11.58
C VAL C 347 2.32 -9.70 -11.65
N TYR C 348 2.46 -10.55 -12.67
CA TYR C 348 3.64 -11.39 -12.80
C TYR C 348 4.33 -11.32 -14.19
N PRO C 349 4.85 -10.15 -14.58
CA PRO C 349 5.52 -10.01 -15.88
C PRO C 349 6.92 -10.60 -15.97
N GLN C 350 7.58 -10.79 -14.83
CA GLN C 350 8.93 -11.37 -14.84
C GLN C 350 8.88 -12.76 -15.46
N ILE C 351 7.78 -13.45 -15.23
CA ILE C 351 7.58 -14.80 -15.73
C ILE C 351 7.03 -14.77 -17.15
N HIS C 352 5.90 -14.10 -17.33
CA HIS C 352 5.26 -14.01 -18.64
C HIS C 352 6.01 -13.24 -19.71
N GLY C 353 7.32 -13.53 -19.79
CA GLY C 353 8.20 -12.93 -20.78
C GLY C 353 8.21 -11.42 -20.92
N GLU C 354 7.21 -10.74 -20.39
CA GLU C 354 7.13 -9.30 -20.48
C GLU C 354 8.21 -8.57 -19.69
N ILE C 355 9.22 -8.09 -20.41
CA ILE C 355 10.36 -7.37 -19.85
C ILE C 355 10.84 -6.45 -20.96
N LYS C 356 11.04 -5.18 -20.66
CA LYS C 356 11.49 -4.25 -21.70
C LYS C 356 12.66 -3.37 -21.29
N LEU C 357 13.36 -2.88 -22.30
CA LEU C 357 14.48 -1.96 -22.11
C LEU C 357 14.17 -0.89 -23.16
N SER C 358 14.50 0.35 -22.86
CA SER C 358 14.25 1.42 -23.80
C SER C 358 15.35 1.45 -24.85
N ASP C 359 15.08 2.12 -25.96
CA ASP C 359 16.08 2.23 -27.00
C ASP C 359 17.25 2.95 -26.33
N LEU C 360 16.91 3.94 -25.50
CA LEU C 360 17.91 4.70 -24.78
C LEU C 360 18.75 3.77 -23.91
N ASP C 361 18.11 2.75 -23.34
CA ASP C 361 18.83 1.78 -22.53
C ASP C 361 19.69 0.90 -23.42
N ILE C 362 19.08 0.28 -24.43
CA ILE C 362 19.83 -0.56 -25.36
C ILE C 362 21.05 0.25 -25.75
N ALA C 363 20.82 1.52 -26.09
CA ALA C 363 21.87 2.44 -26.47
C ALA C 363 23.01 2.38 -25.46
N ARG C 364 22.82 3.02 -24.32
CA ARG C 364 23.81 3.04 -23.24
C ARG C 364 24.66 1.75 -23.16
N GLU C 365 24.04 0.61 -23.40
CA GLU C 365 24.73 -0.67 -23.35
C GLU C 365 25.70 -0.94 -24.50
N ILE C 366 25.61 -0.16 -25.56
CA ILE C 366 26.48 -0.31 -26.72
C ILE C 366 27.76 0.49 -26.46
N LYS C 367 28.85 -0.22 -26.22
CA LYS C 367 30.12 0.43 -25.91
C LYS C 367 31.36 -0.02 -26.70
N VAL C 368 32.31 0.91 -26.82
CA VAL C 368 33.57 0.68 -27.51
C VAL C 368 34.35 -0.42 -26.81
N LYS C 369 34.79 -1.44 -27.54
CA LYS C 369 35.52 -2.53 -26.91
C LYS C 369 36.94 -2.13 -26.54
N GLU C 370 37.83 -2.05 -27.52
CA GLU C 370 39.21 -1.66 -27.24
C GLU C 370 39.34 -0.17 -27.51
N VAL C 371 39.83 0.56 -26.50
CA VAL C 371 39.98 2.00 -26.63
C VAL C 371 41.35 2.47 -26.12
N PRO C 372 41.95 3.47 -26.78
CA PRO C 372 43.26 4.05 -26.44
C PRO C 372 43.48 4.21 -24.94
N GLN C 373 44.46 3.48 -24.42
CA GLN C 373 44.79 3.50 -23.00
C GLN C 373 45.82 4.58 -22.63
N THR C 374 46.09 5.49 -23.55
CA THR C 374 47.06 6.56 -23.28
C THR C 374 46.55 7.93 -23.66
N ALA C 375 47.08 8.96 -23.00
CA ALA C 375 46.67 10.33 -23.27
C ALA C 375 46.75 10.63 -24.76
N VAL C 376 47.87 10.28 -25.37
CA VAL C 376 48.08 10.51 -26.80
C VAL C 376 47.11 9.68 -27.63
N GLY C 377 47.06 8.38 -27.34
CA GLY C 377 46.18 7.48 -28.07
C GLY C 377 44.85 8.12 -28.43
N LEU C 378 44.27 8.83 -27.47
CA LEU C 378 43.00 9.49 -27.70
C LEU C 378 43.11 10.53 -28.82
N LYS C 379 44.08 11.42 -28.71
CA LYS C 379 44.27 12.45 -29.73
C LYS C 379 44.74 11.86 -31.06
N ILE C 380 44.98 10.55 -31.09
CA ILE C 380 45.41 9.87 -32.31
C ILE C 380 44.18 9.51 -33.13
N ALA C 381 43.40 8.54 -32.66
CA ALA C 381 42.20 8.12 -33.35
C ALA C 381 41.35 9.35 -33.58
N GLN C 382 41.44 10.30 -32.65
CA GLN C 382 40.68 11.55 -32.73
C GLN C 382 41.06 12.30 -33.99
N SER C 383 42.26 12.04 -34.49
CA SER C 383 42.77 12.67 -35.70
C SER C 383 42.48 11.76 -36.90
N ILE C 384 42.75 10.48 -36.73
CA ILE C 384 42.51 9.48 -37.77
C ILE C 384 41.18 9.81 -38.44
N VAL C 385 40.16 9.99 -37.60
CA VAL C 385 38.83 10.31 -38.07
C VAL C 385 38.82 11.69 -38.70
N GLU C 386 39.41 12.66 -37.99
CA GLU C 386 39.45 14.04 -38.47
C GLU C 386 39.87 14.16 -39.92
N THR C 387 40.63 13.19 -40.43
CA THR C 387 41.07 13.22 -41.83
C THR C 387 40.09 12.48 -42.71
N ALA C 388 39.69 11.28 -42.29
CA ALA C 388 38.75 10.49 -43.07
C ALA C 388 37.47 11.29 -43.28
N GLU C 389 37.17 12.18 -42.33
CA GLU C 389 35.98 13.02 -42.41
C GLU C 389 36.05 13.97 -43.59
N LYS C 390 37.16 13.94 -44.32
CA LYS C 390 37.34 14.81 -45.47
C LYS C 390 38.00 14.12 -46.67
N HIS C 391 39.06 13.37 -46.41
CA HIS C 391 39.78 12.68 -47.47
C HIS C 391 39.19 11.32 -47.85
N ALA C 392 37.99 11.03 -47.37
CA ALA C 392 37.33 9.77 -47.68
C ALA C 392 36.80 9.83 -49.11
N SER C 393 37.40 10.69 -49.91
CA SER C 393 36.98 10.87 -51.30
C SER C 393 38.11 10.53 -52.27
N GLU C 394 39.18 11.32 -52.25
CA GLU C 394 40.34 11.14 -53.12
C GLU C 394 40.44 9.76 -53.77
N PRO C 395 40.51 9.71 -55.11
CA PRO C 395 40.61 8.44 -55.85
C PRO C 395 41.80 7.60 -55.42
N SER C 396 41.53 6.41 -54.91
CA SER C 396 42.58 5.51 -54.44
C SER C 396 43.29 4.81 -55.60
N PRO C 397 44.57 4.45 -55.40
CA PRO C 397 45.34 4.68 -54.17
C PRO C 397 45.65 6.14 -53.88
N CYS C 398 45.92 6.45 -52.61
CA CYS C 398 46.24 7.80 -52.17
C CYS C 398 46.46 7.78 -50.66
N SER C 399 47.61 8.28 -50.22
CA SER C 399 47.93 8.29 -48.79
C SER C 399 48.00 9.67 -48.16
N PHE C 400 47.47 9.77 -46.93
CA PHE C 400 47.46 11.02 -46.16
C PHE C 400 48.02 10.80 -44.76
N LEU C 401 48.62 11.85 -44.21
CA LEU C 401 49.18 11.79 -42.87
C LEU C 401 48.23 12.54 -41.93
N ALA C 402 48.01 12.00 -40.74
CA ALA C 402 47.10 12.62 -39.78
C ALA C 402 47.74 13.02 -38.45
N PHE C 403 48.63 12.18 -37.93
CA PHE C 403 49.26 12.46 -36.65
C PHE C 403 50.78 12.65 -36.73
N GLU C 404 51.28 13.54 -35.87
CA GLU C 404 52.71 13.83 -35.77
C GLU C 404 53.05 14.14 -34.31
N GLY C 405 53.67 13.18 -33.63
CA GLY C 405 54.05 13.36 -32.23
C GLY C 405 54.64 12.08 -31.68
N GLU C 406 54.95 12.06 -30.39
CA GLU C 406 55.54 10.87 -29.77
C GLU C 406 54.78 10.40 -28.54
N MET C 407 54.72 9.08 -28.35
CA MET C 407 54.04 8.49 -27.21
C MET C 407 54.96 7.50 -26.49
N MET C 408 54.99 7.60 -25.16
CA MET C 408 55.82 6.72 -24.34
C MET C 408 57.32 6.99 -24.49
N GLY C 409 57.78 7.19 -25.71
CA GLY C 409 59.20 7.44 -25.93
C GLY C 409 59.66 7.73 -27.35
N ARG C 410 59.03 7.10 -28.34
CA ARG C 410 59.42 7.29 -29.74
C ARG C 410 58.41 8.06 -30.57
N ASN C 411 58.90 8.85 -31.52
CA ASN C 411 58.04 9.64 -32.41
C ASN C 411 57.16 8.71 -33.23
N VAL C 412 56.01 9.22 -33.67
CA VAL C 412 55.07 8.42 -34.45
C VAL C 412 54.30 9.23 -35.50
N ARG C 413 53.91 8.55 -36.58
CA ARG C 413 53.14 9.14 -37.66
C ARG C 413 52.09 8.12 -38.08
N VAL C 414 50.92 8.61 -38.48
CA VAL C 414 49.84 7.70 -38.88
C VAL C 414 49.45 7.85 -40.34
N TYR C 415 49.33 6.73 -41.04
CA TYR C 415 48.97 6.71 -42.45
C TYR C 415 47.57 6.12 -42.70
N VAL C 416 46.93 6.61 -43.76
CA VAL C 416 45.59 6.17 -44.14
C VAL C 416 45.48 6.11 -45.67
N VAL C 417 45.29 4.92 -46.21
CA VAL C 417 45.19 4.75 -47.66
C VAL C 417 44.50 3.44 -48.08
N ASN C 418 43.84 3.48 -49.23
CA ASN C 418 43.17 2.31 -49.77
C ASN C 418 44.12 1.70 -50.81
N GLU C 419 45.11 0.97 -50.31
CA GLU C 419 46.12 0.31 -51.15
C GLU C 419 45.59 -0.14 -52.50
N ASN C 420 44.42 -0.79 -52.49
CA ASN C 420 43.80 -1.30 -53.71
C ASN C 420 43.70 -0.28 -54.83
N GLU C 421 43.34 -0.78 -56.02
CA GLU C 421 43.22 0.05 -57.22
C GLU C 421 42.15 1.14 -57.18
N ASN C 422 41.51 1.35 -58.32
CA ASN C 422 40.47 2.38 -58.47
C ASN C 422 39.30 2.28 -57.50
N THR C 423 38.95 3.44 -56.94
CA THR C 423 37.85 3.57 -55.98
C THR C 423 38.12 4.83 -55.16
N LYS C 424 37.56 4.89 -53.95
CA LYS C 424 37.74 6.04 -53.07
C LYS C 424 38.62 5.60 -51.90
N LEU C 425 39.12 6.56 -51.13
CA LEU C 425 39.96 6.23 -49.98
C LEU C 425 39.17 5.40 -48.96
N CYS C 426 38.19 6.03 -48.33
CA CYS C 426 37.36 5.36 -47.33
C CYS C 426 36.13 4.77 -47.98
N GLY C 427 35.74 3.57 -47.53
CA GLY C 427 34.56 2.93 -48.06
C GLY C 427 33.35 3.84 -47.93
N PRO C 428 32.20 3.47 -48.51
CA PRO C 428 30.99 4.29 -48.44
C PRO C 428 30.27 4.22 -47.09
N ALA C 429 30.86 3.51 -46.13
CA ALA C 429 30.26 3.36 -44.81
C ALA C 429 31.09 3.95 -43.68
N TYR C 430 32.09 4.77 -44.03
CA TYR C 430 32.92 5.36 -42.99
C TYR C 430 32.09 6.28 -42.10
N ALA C 431 30.99 6.80 -42.66
CA ALA C 431 30.12 7.72 -41.92
C ALA C 431 28.81 7.12 -41.43
N ASN C 432 28.80 5.82 -41.15
CA ASN C 432 27.61 5.17 -40.65
C ASN C 432 27.55 5.25 -39.14
N GLU C 433 26.50 5.86 -38.62
CA GLU C 433 26.32 5.98 -37.18
C GLU C 433 25.47 4.82 -36.68
N VAL C 434 25.72 4.40 -35.45
CA VAL C 434 24.95 3.32 -34.88
C VAL C 434 23.81 3.94 -34.11
N VAL C 435 22.59 3.48 -34.34
CA VAL C 435 21.44 4.01 -33.61
C VAL C 435 20.53 2.85 -33.22
N VAL C 436 19.85 2.98 -32.08
CA VAL C 436 18.93 1.94 -31.64
C VAL C 436 17.55 2.47 -31.96
N TYR C 437 16.64 1.58 -32.35
CA TYR C 437 15.29 2.00 -32.68
C TYR C 437 14.30 0.86 -32.56
N LYS C 438 13.16 1.15 -31.95
CA LYS C 438 12.11 0.18 -31.74
C LYS C 438 12.62 -1.19 -31.30
N GLY C 439 13.83 -1.23 -30.73
CA GLY C 439 14.39 -2.49 -30.25
C GLY C 439 15.54 -3.08 -31.04
N ASP C 440 15.79 -2.56 -32.23
CA ASP C 440 16.86 -3.08 -33.06
C ASP C 440 18.05 -2.15 -33.03
N ILE C 441 19.23 -2.73 -33.24
CA ILE C 441 20.46 -1.96 -33.24
C ILE C 441 20.94 -1.84 -34.68
N TYR C 442 20.75 -0.67 -35.27
CA TYR C 442 21.15 -0.45 -36.66
C TYR C 442 22.46 0.27 -36.87
N GLY C 443 23.03 0.03 -38.04
CA GLY C 443 24.25 0.68 -38.45
C GLY C 443 23.84 1.32 -39.76
N ILE C 444 23.57 2.63 -39.74
CA ILE C 444 23.12 3.31 -40.95
C ILE C 444 23.66 4.71 -41.14
N PRO C 445 23.72 5.15 -42.41
CA PRO C 445 24.22 6.48 -42.77
C PRO C 445 23.13 7.49 -42.43
N LYS C 446 23.53 8.71 -42.11
CA LYS C 446 22.54 9.73 -41.76
C LYS C 446 22.03 10.38 -43.03
N THR C 447 21.14 9.65 -43.71
CA THR C 447 20.53 10.12 -44.96
C THR C 447 19.09 10.54 -44.73
N LYS C 448 18.63 11.46 -45.55
CA LYS C 448 17.27 11.98 -45.48
C LYS C 448 16.24 10.86 -45.70
N LYS C 449 16.73 9.63 -45.69
CA LYS C 449 15.90 8.46 -45.88
C LYS C 449 15.67 7.76 -44.54
N TRP C 450 16.67 7.84 -43.68
CA TRP C 450 16.61 7.21 -42.37
C TRP C 450 16.08 8.10 -41.26
N ARG C 451 15.94 9.39 -41.55
CA ARG C 451 15.45 10.38 -40.60
C ARG C 451 14.70 9.80 -39.40
N SER C 452 13.49 9.30 -39.61
CA SER C 452 12.67 8.73 -38.53
C SER C 452 13.46 7.83 -37.57
N PHE C 453 14.41 7.06 -38.09
CA PHE C 453 15.20 6.21 -37.21
C PHE C 453 16.06 7.10 -36.34
N PHE C 454 16.50 8.22 -36.91
CA PHE C 454 17.34 9.17 -36.20
C PHE C 454 16.55 10.17 -35.36
N GLU C 455 15.25 10.24 -35.57
CA GLU C 455 14.42 11.19 -34.84
C GLU C 455 13.35 10.54 -33.96
N GLU C 456 13.51 9.27 -33.66
CA GLU C 456 12.56 8.55 -32.82
C GLU C 456 13.35 7.52 -32.05
N GLY C 457 14.61 7.37 -32.43
CA GLY C 457 15.48 6.42 -31.76
C GLY C 457 16.58 7.13 -31.02
N VAL C 458 17.52 6.37 -30.47
CA VAL C 458 18.61 6.96 -29.74
C VAL C 458 19.94 6.69 -30.45
N PRO C 459 20.42 7.66 -31.25
CA PRO C 459 21.68 7.54 -31.98
C PRO C 459 22.86 7.41 -31.05
N THR C 460 23.56 6.27 -31.14
CA THR C 460 24.70 6.01 -30.29
C THR C 460 25.71 7.15 -30.29
N GLY C 461 25.91 7.74 -31.46
CA GLY C 461 26.87 8.82 -31.57
C GLY C 461 28.17 8.23 -32.06
N ILE C 462 28.24 6.91 -32.06
CA ILE C 462 29.43 6.18 -32.52
C ILE C 462 29.30 5.80 -33.99
N ARG C 463 30.17 6.36 -34.81
CA ARG C 463 30.16 6.08 -36.24
C ARG C 463 31.17 5.00 -36.59
N TYR C 464 31.08 4.48 -37.80
CA TYR C 464 32.00 3.45 -38.26
C TYR C 464 33.45 3.85 -38.08
N ILE C 465 33.84 5.00 -38.62
CA ILE C 465 35.22 5.47 -38.48
C ILE C 465 35.59 5.65 -37.01
N ASP C 466 34.66 6.20 -36.23
CA ASP C 466 34.87 6.41 -34.80
C ASP C 466 35.14 5.06 -34.17
N GLY C 467 34.24 4.11 -34.42
CA GLY C 467 34.40 2.80 -33.85
C GLY C 467 35.73 2.20 -34.25
N PHE C 468 36.11 2.44 -35.50
CA PHE C 468 37.37 1.93 -36.04
C PHE C 468 38.57 2.58 -35.38
N ALA C 469 38.72 3.88 -35.61
CA ALA C 469 39.83 4.65 -35.06
C ALA C 469 40.37 4.07 -33.76
N TYR C 470 39.60 4.21 -32.68
CA TYR C 470 40.02 3.71 -31.36
C TYR C 470 40.77 2.39 -31.46
N TYR C 471 40.29 1.49 -32.30
CA TYR C 471 40.94 0.19 -32.47
C TYR C 471 42.38 0.41 -32.87
N ALA C 472 42.59 1.18 -33.93
CA ALA C 472 43.93 1.48 -34.42
C ALA C 472 44.74 2.25 -33.37
N ALA C 473 44.23 3.42 -32.98
CA ALA C 473 44.90 4.25 -31.99
C ALA C 473 45.37 3.46 -30.78
N ARG C 474 44.80 2.28 -30.56
CA ARG C 474 45.21 1.45 -29.43
C ARG C 474 46.05 0.29 -29.93
N LYS C 475 45.91 -0.01 -31.22
CA LYS C 475 46.66 -1.10 -31.83
C LYS C 475 48.12 -0.68 -32.06
N VAL C 476 48.34 0.60 -32.36
CA VAL C 476 49.69 1.09 -32.58
C VAL C 476 50.29 1.28 -31.19
N GLU C 477 49.40 1.41 -30.22
CA GLU C 477 49.78 1.58 -28.83
C GLU C 477 50.36 0.28 -28.30
N GLU C 478 49.98 -0.83 -28.93
CA GLU C 478 50.46 -2.16 -28.55
C GLU C 478 51.83 -2.42 -29.16
N ALA C 479 52.11 -1.76 -30.29
CA ALA C 479 53.39 -1.89 -30.97
C ALA C 479 54.37 -0.96 -30.28
N ALA C 480 53.86 0.21 -29.86
CA ALA C 480 54.68 1.21 -29.18
C ALA C 480 55.28 0.65 -27.89
N MET C 481 54.62 -0.34 -27.30
CA MET C 481 55.11 -0.95 -26.07
C MET C 481 55.65 -2.34 -26.35
N ARG C 482 55.47 -2.81 -27.58
CA ARG C 482 55.95 -4.13 -27.98
C ARG C 482 57.28 -3.99 -28.70
N GLU C 483 57.81 -2.76 -28.68
CA GLU C 483 59.09 -2.45 -29.31
C GLU C 483 58.98 -2.35 -30.82
N GLN C 484 57.97 -2.99 -31.40
CA GLN C 484 57.76 -2.99 -32.85
C GLN C 484 58.02 -1.67 -33.54
N GLU C 485 58.06 -1.72 -34.88
CA GLU C 485 58.33 -0.55 -35.70
C GLU C 485 57.19 -0.15 -36.62
N GLU C 486 56.29 -1.08 -36.93
CA GLU C 486 55.19 -0.77 -37.83
C GLU C 486 54.03 -1.74 -37.71
N VAL C 487 52.83 -1.24 -37.96
CA VAL C 487 51.62 -2.04 -37.91
C VAL C 487 50.62 -1.54 -38.95
N LYS C 488 49.91 -2.48 -39.57
CA LYS C 488 48.93 -2.14 -40.60
C LYS C 488 47.55 -2.64 -40.22
N VAL C 489 46.80 -1.79 -39.51
CA VAL C 489 45.44 -2.13 -39.10
C VAL C 489 44.54 -1.83 -40.29
N LYS C 490 43.86 -2.86 -40.78
CA LYS C 490 42.99 -2.73 -41.94
C LYS C 490 41.55 -3.09 -41.61
N ALA C 491 40.63 -2.78 -42.51
CA ALA C 491 39.22 -3.09 -42.32
C ALA C 491 38.41 -2.95 -43.60
N ARG C 492 37.79 -4.04 -44.02
CA ARG C 492 36.97 -4.03 -45.23
C ARG C 492 35.50 -3.93 -44.90
N ILE C 493 34.80 -5.06 -44.92
CA ILE C 493 33.38 -5.08 -44.63
C ILE C 493 33.14 -5.05 -43.12
N VAL C 494 31.87 -4.96 -42.75
CA VAL C 494 31.46 -4.92 -41.35
C VAL C 494 30.31 -5.91 -41.23
N GLU C 495 30.63 -7.14 -40.84
CA GLU C 495 29.60 -8.18 -40.70
C GLU C 495 28.77 -7.99 -39.44
N ASN C 496 29.29 -7.22 -38.51
CA ASN C 496 28.58 -6.95 -37.27
C ASN C 496 29.23 -5.85 -36.45
N LEU C 497 29.22 -6.01 -35.14
CA LEU C 497 29.78 -5.00 -34.26
C LEU C 497 31.27 -5.20 -33.99
N SER C 498 31.65 -6.44 -33.66
CA SER C 498 33.06 -6.71 -33.39
C SER C 498 33.87 -6.07 -34.50
N ASP C 499 33.36 -6.19 -35.72
CA ASP C 499 34.01 -5.64 -36.91
C ASP C 499 34.11 -4.12 -36.85
N ILE C 500 33.24 -3.49 -36.07
CA ILE C 500 33.27 -2.05 -35.95
C ILE C 500 33.85 -1.67 -34.59
N ASN C 501 34.37 -2.68 -33.88
CA ASN C 501 34.97 -2.47 -32.55
C ASN C 501 33.95 -1.86 -31.62
N LEU C 502 33.01 -2.69 -31.18
CA LEU C 502 31.93 -2.24 -30.31
C LEU C 502 31.27 -3.49 -29.75
N TYR C 503 30.79 -3.44 -28.52
CA TYR C 503 30.14 -4.61 -27.95
C TYR C 503 28.95 -4.28 -27.07
N ILE C 504 28.27 -5.33 -26.62
CA ILE C 504 27.11 -5.22 -25.73
C ILE C 504 27.19 -6.40 -24.78
N HIS C 505 27.03 -6.14 -23.49
CA HIS C 505 27.09 -7.20 -22.50
C HIS C 505 26.30 -8.40 -23.01
N GLU C 506 26.86 -9.59 -22.82
CA GLU C 506 26.20 -10.80 -23.26
C GLU C 506 24.72 -10.89 -22.86
N ASN C 507 24.33 -10.16 -21.82
CA ASN C 507 22.94 -10.21 -21.39
C ASN C 507 21.98 -9.35 -22.21
N VAL C 508 22.42 -8.17 -22.64
CA VAL C 508 21.52 -7.38 -23.45
C VAL C 508 21.35 -8.15 -24.74
N ARG C 509 22.35 -8.97 -25.07
CA ARG C 509 22.30 -9.76 -26.28
C ARG C 509 21.21 -10.82 -26.19
N ARG C 510 21.26 -11.65 -25.16
CA ARG C 510 20.23 -12.67 -24.98
C ARG C 510 18.89 -11.98 -24.92
N TYR C 511 18.92 -10.69 -24.61
CA TYR C 511 17.71 -9.87 -24.53
C TYR C 511 17.19 -9.59 -25.92
N ILE C 512 17.93 -8.80 -26.68
CA ILE C 512 17.53 -8.48 -28.05
C ILE C 512 16.87 -9.69 -28.70
N LEU C 513 17.50 -10.86 -28.59
CA LEU C 513 16.93 -12.06 -29.17
C LEU C 513 15.61 -12.42 -28.52
N TRP C 514 15.60 -12.52 -27.20
CA TRP C 514 14.37 -12.86 -26.50
C TRP C 514 13.24 -11.96 -27.00
N LYS C 515 13.48 -10.65 -26.97
CA LYS C 515 12.49 -9.69 -27.44
C LYS C 515 12.55 -9.69 -28.97
N LYS C 516 12.87 -10.85 -29.52
CA LYS C 516 12.99 -11.07 -30.95
C LYS C 516 13.29 -9.83 -31.79
N GLY C 517 14.21 -9.02 -31.30
CA GLY C 517 14.61 -7.82 -32.02
C GLY C 517 15.80 -8.24 -32.85
N LYS C 518 16.44 -7.33 -33.56
CA LYS C 518 17.57 -7.69 -34.39
C LYS C 518 18.65 -6.63 -34.52
N ILE C 519 19.86 -7.09 -34.83
CA ILE C 519 21.01 -6.21 -34.99
C ILE C 519 21.48 -6.24 -36.43
N ASP C 520 21.39 -5.08 -37.09
CA ASP C 520 21.80 -4.95 -38.48
C ASP C 520 22.97 -3.99 -38.61
N VAL C 521 24.14 -4.42 -38.16
CA VAL C 521 25.32 -3.59 -38.27
C VAL C 521 26.18 -4.16 -39.38
N ARG C 522 25.86 -3.77 -40.61
CA ARG C 522 26.58 -4.23 -41.80
C ARG C 522 27.10 -3.03 -42.56
N GLY C 523 28.12 -3.23 -43.38
CA GLY C 523 28.65 -2.13 -44.14
C GLY C 523 30.07 -2.26 -44.66
N PRO C 524 30.32 -1.71 -45.86
CA PRO C 524 31.65 -1.74 -46.49
C PRO C 524 32.45 -0.55 -45.99
N LEU C 525 33.21 -0.76 -44.92
CA LEU C 525 34.03 0.29 -44.34
C LEU C 525 35.21 0.58 -45.27
N PHE C 526 35.89 -0.49 -45.68
CA PHE C 526 37.04 -0.38 -46.59
C PHE C 526 37.95 0.78 -46.19
N VAL C 527 38.65 0.62 -45.07
CA VAL C 527 39.57 1.63 -44.58
C VAL C 527 40.69 0.97 -43.78
N THR C 528 41.93 1.24 -44.20
CA THR C 528 43.11 0.68 -43.54
C THR C 528 44.02 1.78 -43.02
N VAL C 529 44.73 1.48 -41.94
CA VAL C 529 45.63 2.46 -41.33
C VAL C 529 46.98 1.84 -40.99
N LYS C 530 48.04 2.41 -41.54
CA LYS C 530 49.40 1.94 -41.28
C LYS C 530 50.06 3.00 -40.41
N ALA C 531 50.88 2.55 -39.47
CA ALA C 531 51.58 3.46 -38.57
C ALA C 531 53.00 2.95 -38.34
N GLU C 532 53.96 3.88 -38.28
CA GLU C 532 55.35 3.51 -38.07
C GLU C 532 55.97 4.20 -36.86
N ILE C 533 56.48 3.38 -35.94
CA ILE C 533 57.13 3.89 -34.73
C ILE C 533 58.57 3.39 -34.70
N GLU C 534 59.52 4.31 -34.64
CA GLU C 534 60.93 3.94 -34.63
C GLU C 534 61.73 4.79 -33.65
#